data_6QNX
#
_entry.id   6QNX
#
_cell.length_a   79.029
_cell.length_b   107.255
_cell.length_c   176.490
_cell.angle_alpha   90.000
_cell.angle_beta   90.000
_cell.angle_gamma   90.000
#
_symmetry.space_group_name_H-M   'P 21 21 21'
#
loop_
_entity.id
_entity.type
_entity.pdbx_description
1 polymer 'Cohesin subunit SA-2'
2 polymer '64-kDa C-terminal product'
3 polymer 'Transcriptional repressor CTCF'
4 water water
#
loop_
_entity_poly.entity_id
_entity_poly.type
_entity_poly.pdbx_seq_one_letter_code
_entity_poly.pdbx_strand_id
1 'polypeptide(L)'
;ENMMLFEVVKMGKSAMQSVVDDWIESYKHDRDIALLDLINFFIQCSGCKGVVTAEMFRHMQNSEIIRKMTEEFDEDSGDY
PLTMAGPQWKKFKSSFCEFIGVLVRQCQYSIIYDEYMMDTVISLLTGLSDSQVRAFRHTSTLAAMKLMTALVNVALNLSI
NMDNTQRQYEAERNKMIGKRANERLELLLQKRKELQENQDEIENMMNAIFKGVFVHRYRDAIAEIRAICIEEIGIWMKMY
SDAFLNDSYLKYVGWTMHDKQGEVRLKCLTALQGLYYNKELNSKLELFTSRFKDRIVSMTLDKEYDVAVQAIKLLTLVLQ
SSEEVLTAEDCENVYHLVYSAHRPVAVAAGEFLYKKLFSRRDPEEDGMMKRRGRQGPNANLVKTLVFFFLESELHEHAAY
LVDSMWDCATELLKDWECMNSLLLEEPLSGEEALTDRQESALIEIMLCTIRQAAECHPPVGRGTGKRVLTAKEKKTQLDD
RTKITELFAVALPQLLAKYSVDAEKVTNLLQLPQYFDLEIYTTGRLEKHLDALLRQIRNIVEKHTDTDVLEACSKTYHAL
CNEEFTIFNRVDISRSQLIDELADKFNRLLEDFLQEGEEPDEDDAYQVLSTLKRITAFHNAHDLSKWDLFACNYKLLKTG
IENGDMPEQIVIHALQCTHYVILWQLAKITESSSTKEDLLRLKKQMRVFCQICQHYLTNVNTTVKEQAFTILCDILMIFS
HQIMSGGRDMLEPLVYTPDSSLQSELLSFILDHVFIEQDDDNNSADGQQEDEASKIEALHKRRNLLAAFCKLIVYTVVEM
NTAADIFKQYMKYYNDYGDIIKETMSKTRQIDKIQCAKTLILSLQQLFNEMIQENGYNFDRSSSTFSGIKELARRFALTF
GLDQLKTREAIAMLHKDGIEFAFKEPNPQGESHPPLNLAFLDILSEFSSKLLRQDKRTVYVYLEKFMTFQMSLRREDVWL
PLMSYRNSLLAGGDDDTMSVI
;
A
2 'polypeptide(L)'
;VDPVEPMPTMTDQTTLVPNEEEAFALEPIDITVKETKAKRKRKLIVDSVKELDSKTIRAQLSDYSDIVTTLDLAPPTKKL
MMWKETGGVEKLFSLPAQPLWNNRLLKLFTRCLTPLVPEDLRKRRKGGEADNLDEFLKEF
;
B
3 'polypeptide(L)' DVSVYDFEEE C
#
# COMPACT_ATOMS: atom_id res chain seq x y z
N GLU A 1 37.84 -3.95 -36.31
CA GLU A 1 38.09 -2.67 -35.65
C GLU A 1 37.83 -2.78 -34.14
N ASN A 2 38.43 -1.87 -33.37
CA ASN A 2 38.17 -1.78 -31.92
C ASN A 2 36.65 -1.69 -31.68
N MET A 3 36.00 -0.75 -32.38
CA MET A 3 34.57 -0.52 -32.23
C MET A 3 33.74 -1.68 -32.79
N MET A 4 34.26 -2.39 -33.80
CA MET A 4 33.59 -3.59 -34.32
C MET A 4 33.30 -4.60 -33.21
N LEU A 5 34.26 -4.85 -32.32
CA LEU A 5 34.09 -5.86 -31.28
C LEU A 5 33.06 -5.43 -30.24
N PHE A 6 33.14 -4.17 -29.79
CA PHE A 6 32.20 -3.69 -28.80
C PHE A 6 30.77 -3.68 -29.35
N GLU A 7 30.61 -3.21 -30.58
CA GLU A 7 29.29 -3.15 -31.20
C GLU A 7 28.74 -4.53 -31.52
N VAL A 8 29.61 -5.52 -31.69
CA VAL A 8 29.18 -6.90 -31.85
C VAL A 8 28.47 -7.33 -30.57
N VAL A 9 29.20 -7.35 -29.45
CA VAL A 9 28.64 -7.89 -28.22
C VAL A 9 27.33 -7.20 -27.87
N LYS A 10 27.29 -5.88 -28.02
CA LYS A 10 26.02 -5.16 -27.83
C LYS A 10 24.94 -5.62 -28.80
N MET A 11 25.33 -6.01 -30.02
CA MET A 11 24.40 -6.31 -31.12
C MET A 11 24.86 -7.64 -31.72
N GLY A 12 25.15 -8.62 -30.88
CA GLY A 12 25.84 -9.80 -31.38
C GLY A 12 25.07 -10.51 -32.48
N LYS A 13 23.76 -10.69 -32.29
CA LYS A 13 23.00 -11.67 -33.07
C LYS A 13 23.67 -13.04 -33.04
N SER A 14 24.66 -13.24 -32.18
CA SER A 14 25.58 -14.35 -32.33
C SER A 14 25.47 -15.38 -31.21
N ALA A 15 25.73 -16.64 -31.56
CA ALA A 15 26.20 -17.63 -30.60
C ALA A 15 27.49 -17.04 -30.03
N MET A 16 27.44 -16.50 -28.82
CA MET A 16 28.58 -15.71 -28.36
C MET A 16 29.89 -16.47 -28.40
N GLN A 17 29.85 -17.80 -28.31
CA GLN A 17 31.07 -18.57 -28.53
C GLN A 17 31.67 -18.32 -29.89
N SER A 18 30.86 -17.87 -30.87
CA SER A 18 31.40 -17.56 -32.18
C SER A 18 32.31 -16.35 -32.15
N VAL A 19 31.89 -15.30 -31.43
CA VAL A 19 32.74 -14.12 -31.24
C VAL A 19 33.99 -14.49 -30.47
N VAL A 20 33.84 -15.28 -29.42
CA VAL A 20 34.98 -15.72 -28.60
C VAL A 20 35.94 -16.55 -29.44
N ASP A 21 35.40 -17.49 -30.22
CA ASP A 21 36.24 -18.35 -31.04
C ASP A 21 36.92 -17.54 -32.14
N ASP A 22 36.18 -16.67 -32.80
CA ASP A 22 36.80 -15.76 -33.75
C ASP A 22 37.85 -14.87 -33.08
N TRP A 23 37.56 -14.38 -31.86
CA TRP A 23 38.57 -13.62 -31.12
C TRP A 23 39.79 -14.49 -30.83
N ILE A 24 39.58 -15.77 -30.53
CA ILE A 24 40.68 -16.63 -30.11
C ILE A 24 41.61 -16.94 -31.28
N GLU A 25 41.06 -17.07 -32.48
CA GLU A 25 41.93 -17.35 -33.61
C GLU A 25 42.75 -16.13 -33.97
N SER A 26 42.18 -14.93 -33.80
CA SER A 26 42.94 -13.71 -34.00
C SER A 26 44.10 -13.60 -33.02
N TYR A 27 43.99 -14.25 -31.86
CA TYR A 27 45.06 -14.21 -30.87
C TYR A 27 46.20 -15.14 -31.24
N LYS A 28 45.88 -16.29 -31.84
CA LYS A 28 46.90 -17.25 -32.23
C LYS A 28 47.74 -16.77 -33.40
N HIS A 29 47.15 -15.99 -34.31
CA HIS A 29 47.92 -15.42 -35.41
C HIS A 29 48.81 -14.28 -34.92
N ASP A 30 48.25 -13.34 -34.16
CA ASP A 30 49.05 -12.28 -33.55
C ASP A 30 48.43 -11.94 -32.20
N ARG A 31 49.20 -12.10 -31.13
CA ARG A 31 48.66 -11.88 -29.79
C ARG A 31 48.46 -10.40 -29.49
N ASP A 32 49.45 -9.58 -29.86
CA ASP A 32 49.42 -8.17 -29.49
C ASP A 32 48.21 -7.47 -30.09
N ILE A 33 47.90 -7.74 -31.37
CA ILE A 33 46.74 -7.10 -31.97
C ILE A 33 45.45 -7.51 -31.26
N ALA A 34 45.34 -8.79 -30.91
CA ALA A 34 44.10 -9.28 -30.31
C ALA A 34 43.91 -8.74 -28.90
N LEU A 35 44.99 -8.64 -28.12
CA LEU A 35 44.85 -8.05 -26.80
C LEU A 35 44.48 -6.57 -26.89
N LEU A 36 44.98 -5.86 -27.89
CA LEU A 36 44.62 -4.45 -28.02
C LEU A 36 43.13 -4.29 -28.19
N ASP A 37 42.48 -5.21 -28.88
CA ASP A 37 41.04 -5.08 -29.12
C ASP A 37 40.24 -5.56 -27.93
N LEU A 38 40.82 -6.43 -27.11
CA LEU A 38 40.20 -6.82 -25.86
C LEU A 38 40.25 -5.68 -24.84
N ILE A 39 41.44 -5.11 -24.64
CA ILE A 39 41.57 -3.86 -23.88
C ILE A 39 40.56 -2.83 -24.37
N ASN A 40 40.54 -2.56 -25.67
CA ASN A 40 39.67 -1.48 -26.16
C ASN A 40 38.21 -1.84 -25.99
N PHE A 41 37.91 -3.13 -25.85
CA PHE A 41 36.54 -3.57 -25.67
C PHE A 41 36.05 -3.27 -24.26
N PHE A 42 36.92 -3.45 -23.28
CA PHE A 42 36.60 -3.07 -21.91
C PHE A 42 36.44 -1.57 -21.80
N ILE A 43 37.43 -0.82 -22.27
CA ILE A 43 37.39 0.64 -22.26
C ILE A 43 36.06 1.08 -22.84
N GLN A 44 35.70 0.49 -23.98
CA GLN A 44 34.51 0.92 -24.71
C GLN A 44 33.23 0.47 -24.04
N CYS A 45 33.26 -0.67 -23.35
CA CYS A 45 32.07 -1.11 -22.64
C CYS A 45 31.77 -0.21 -21.47
N SER A 46 32.71 0.66 -21.11
CA SER A 46 32.54 1.64 -20.05
C SER A 46 31.89 2.91 -20.55
N GLY A 47 31.74 3.07 -21.86
CA GLY A 47 31.15 4.26 -22.43
C GLY A 47 32.16 5.26 -22.94
N CYS A 48 33.43 5.09 -22.55
CA CYS A 48 34.54 5.85 -23.11
C CYS A 48 34.57 5.75 -24.63
N LYS A 49 34.71 6.90 -25.28
CA LYS A 49 34.76 7.00 -26.73
C LYS A 49 36.18 7.21 -27.24
N GLY A 50 37.16 7.08 -26.38
CA GLY A 50 38.54 7.13 -26.80
C GLY A 50 39.07 5.77 -27.17
N VAL A 51 40.34 5.76 -27.59
CA VAL A 51 40.96 4.58 -28.19
C VAL A 51 42.40 4.44 -27.69
N VAL A 52 42.74 3.23 -27.23
CA VAL A 52 44.12 2.93 -26.88
C VAL A 52 44.84 2.44 -28.12
N THR A 53 46.07 2.90 -28.30
CA THR A 53 46.83 2.63 -29.52
C THR A 53 47.87 1.54 -29.28
N ALA A 54 48.50 1.12 -30.38
CA ALA A 54 49.58 0.15 -30.29
C ALA A 54 50.76 0.73 -29.52
N GLU A 55 51.15 1.97 -29.85
CA GLU A 55 52.26 2.58 -29.14
C GLU A 55 51.93 2.77 -27.67
N MET A 56 50.68 3.09 -27.35
CA MET A 56 50.26 3.20 -25.95
C MET A 56 50.41 1.87 -25.24
N PHE A 57 49.99 0.78 -25.89
CA PHE A 57 50.11 -0.55 -25.32
C PHE A 57 51.57 -0.93 -25.11
N ARG A 58 52.44 -0.58 -26.06
CA ARG A 58 53.82 -1.06 -26.01
C ARG A 58 54.62 -0.39 -24.90
N HIS A 59 54.46 0.93 -24.72
CA HIS A 59 55.33 1.68 -23.84
C HIS A 59 54.64 2.38 -22.68
N MET A 60 53.33 2.36 -22.62
CA MET A 60 52.59 3.09 -21.59
C MET A 60 52.05 2.10 -20.56
N GLN A 61 52.26 2.40 -19.28
CA GLN A 61 51.66 1.64 -18.20
C GLN A 61 50.19 2.02 -18.04
N ASN A 62 49.44 1.14 -17.36
CA ASN A 62 47.99 1.20 -17.41
C ASN A 62 47.45 2.44 -16.72
N SER A 63 48.04 2.81 -15.59
CA SER A 63 47.66 4.06 -14.95
C SER A 63 47.74 5.24 -15.92
N GLU A 64 48.70 5.22 -16.85
CA GLU A 64 48.80 6.30 -17.85
C GLU A 64 47.78 6.13 -18.97
N ILE A 65 47.53 4.88 -19.37
CA ILE A 65 46.48 4.61 -20.36
C ILE A 65 45.14 5.07 -19.81
N ILE A 66 44.87 4.78 -18.54
CA ILE A 66 43.59 5.12 -17.94
C ILE A 66 43.43 6.63 -17.82
N ARG A 67 44.53 7.34 -17.49
CA ARG A 67 44.45 8.80 -17.42
C ARG A 67 44.14 9.40 -18.79
N LYS A 68 44.73 8.84 -19.85
CA LYS A 68 44.45 9.32 -21.20
C LYS A 68 43.04 8.92 -21.65
N MET A 69 42.54 7.76 -21.20
CA MET A 69 41.19 7.37 -21.60
C MET A 69 40.15 8.22 -20.87
N THR A 70 40.44 8.66 -19.65
CA THR A 70 39.56 9.64 -19.00
C THR A 70 39.56 10.96 -19.74
N GLU A 71 40.74 11.43 -20.18
CA GLU A 71 40.80 12.68 -20.93
C GLU A 71 39.92 12.59 -22.17
N GLU A 72 40.04 11.50 -22.93
CA GLU A 72 39.36 11.38 -24.21
C GLU A 72 38.00 10.74 -24.08
N PHE A 73 37.59 10.40 -22.86
CA PHE A 73 36.27 9.80 -22.65
C PHE A 73 35.22 10.47 -23.53
N ASP A 74 35.22 11.81 -23.58
CA ASP A 74 34.34 12.56 -24.47
C ASP A 74 32.87 12.18 -24.29
N GLU A 75 32.45 12.03 -23.04
CA GLU A 75 31.06 11.74 -22.74
C GLU A 75 30.19 12.97 -22.98
N ASP A 76 28.90 12.71 -23.24
CA ASP A 76 27.91 13.77 -23.38
C ASP A 76 27.01 13.91 -22.16
N SER A 77 27.06 12.96 -21.24
CA SER A 77 26.27 13.00 -20.03
C SER A 77 27.04 12.23 -18.97
N GLY A 78 26.39 11.97 -17.85
CA GLY A 78 26.96 11.15 -16.81
C GLY A 78 26.60 9.68 -16.88
N ASP A 79 25.88 9.28 -17.92
CA ASP A 79 25.50 7.90 -18.10
C ASP A 79 26.58 7.12 -18.84
N TYR A 80 26.71 5.84 -18.48
CA TYR A 80 27.60 4.87 -19.11
C TYR A 80 26.76 3.62 -19.37
N PRO A 81 27.25 2.66 -20.16
CA PRO A 81 26.36 1.57 -20.64
C PRO A 81 25.65 0.82 -19.54
N LEU A 82 26.32 0.58 -18.42
CA LEU A 82 25.68 -0.21 -17.38
C LEU A 82 24.61 0.55 -16.58
N THR A 83 24.40 1.84 -16.84
CA THR A 83 23.40 2.59 -16.10
C THR A 83 22.25 3.06 -16.97
N MET A 84 22.23 2.67 -18.23
CA MET A 84 21.15 3.02 -19.13
C MET A 84 19.98 2.06 -18.97
N ALA A 85 18.78 2.58 -19.20
CA ALA A 85 17.58 1.78 -19.16
C ALA A 85 17.16 1.39 -20.57
N GLY A 86 16.34 0.34 -20.64
CA GLY A 86 15.89 -0.17 -21.91
C GLY A 86 16.39 -1.58 -22.13
N PRO A 87 15.65 -2.38 -22.90
CA PRO A 87 16.02 -3.79 -23.07
C PRO A 87 17.32 -3.96 -23.86
N GLN A 88 17.71 -2.99 -24.67
CA GLN A 88 18.93 -3.13 -25.46
C GLN A 88 20.18 -3.00 -24.59
N TRP A 89 20.09 -2.27 -23.47
CA TRP A 89 21.21 -2.13 -22.55
C TRP A 89 21.23 -3.23 -21.49
N LYS A 90 20.07 -3.75 -21.10
CA LYS A 90 20.07 -4.95 -20.29
C LYS A 90 20.54 -6.16 -21.10
N LYS A 91 20.18 -6.22 -22.38
CA LYS A 91 20.77 -7.24 -23.25
C LYS A 91 22.29 -7.08 -23.28
N PHE A 92 22.76 -5.86 -23.50
CA PHE A 92 24.19 -5.61 -23.54
C PHE A 92 24.86 -6.04 -22.24
N LYS A 93 24.24 -5.76 -21.11
CA LYS A 93 24.83 -6.20 -19.84
C LYS A 93 25.00 -7.71 -19.84
N SER A 94 24.07 -8.43 -20.45
CA SER A 94 24.15 -9.88 -20.53
C SER A 94 25.19 -10.33 -21.54
N SER A 95 25.21 -9.76 -22.74
CA SER A 95 26.26 -10.08 -23.68
C SER A 95 27.63 -9.87 -23.03
N PHE A 96 27.85 -8.67 -22.47
CA PHE A 96 29.08 -8.36 -21.76
C PHE A 96 29.50 -9.46 -20.82
N CYS A 97 28.59 -9.87 -19.91
CA CYS A 97 28.97 -10.83 -18.89
C CYS A 97 29.24 -12.20 -19.50
N GLU A 98 28.43 -12.63 -20.48
CA GLU A 98 28.63 -13.95 -21.05
C GLU A 98 29.88 -14.00 -21.89
N PHE A 99 30.22 -12.88 -22.54
CA PHE A 99 31.46 -12.85 -23.30
C PHE A 99 32.67 -13.10 -22.40
N ILE A 100 32.78 -12.35 -21.30
CA ILE A 100 33.89 -12.60 -20.41
C ILE A 100 33.93 -14.07 -20.04
N GLY A 101 32.75 -14.63 -19.74
CA GLY A 101 32.72 -15.98 -19.20
C GLY A 101 33.04 -17.04 -20.22
N VAL A 102 32.46 -16.95 -21.42
CA VAL A 102 32.77 -17.96 -22.42
C VAL A 102 34.23 -17.80 -22.88
N LEU A 103 34.74 -16.58 -22.95
CA LEU A 103 36.12 -16.37 -23.36
C LEU A 103 37.05 -17.20 -22.48
N VAL A 104 36.92 -17.05 -21.17
CA VAL A 104 37.84 -17.67 -20.24
C VAL A 104 37.69 -19.19 -20.30
N ARG A 105 36.46 -19.66 -20.36
CA ARG A 105 36.23 -21.09 -20.37
C ARG A 105 36.78 -21.73 -21.63
N GLN A 106 36.84 -20.98 -22.73
CA GLN A 106 37.37 -21.54 -23.97
C GLN A 106 38.88 -21.45 -24.05
N CYS A 107 39.49 -20.59 -23.25
CA CYS A 107 40.94 -20.53 -23.17
C CYS A 107 41.46 -21.43 -22.07
N GLN A 108 40.60 -22.20 -21.42
CA GLN A 108 41.03 -22.81 -20.18
C GLN A 108 41.99 -23.99 -20.35
N TYR A 109 42.17 -24.56 -21.54
CA TYR A 109 43.02 -25.73 -21.64
C TYR A 109 44.41 -25.41 -22.16
N SER A 110 44.65 -24.17 -22.59
CA SER A 110 45.98 -23.80 -23.09
C SER A 110 46.28 -22.31 -22.94
N ILE A 111 45.63 -21.47 -23.76
CA ILE A 111 45.99 -20.05 -23.82
C ILE A 111 46.01 -19.44 -22.41
N ILE A 112 45.08 -19.83 -21.57
CA ILE A 112 44.97 -19.22 -20.25
C ILE A 112 46.26 -19.37 -19.44
N TYR A 113 47.07 -20.38 -19.76
CA TYR A 113 48.35 -20.62 -19.09
C TYR A 113 49.55 -19.98 -19.80
N ASP A 114 49.34 -19.25 -20.90
CA ASP A 114 50.44 -18.68 -21.67
C ASP A 114 51.06 -17.47 -21.00
N GLU A 115 50.67 -17.17 -19.75
CA GLU A 115 51.32 -16.13 -18.95
C GLU A 115 51.32 -14.76 -19.64
N TYR A 116 50.34 -14.49 -20.50
CA TYR A 116 50.36 -13.26 -21.27
C TYR A 116 48.98 -12.62 -21.39
N MET A 117 47.96 -13.39 -21.79
CA MET A 117 46.66 -12.76 -22.02
C MET A 117 45.97 -12.42 -20.70
N MET A 118 45.96 -13.34 -19.75
CA MET A 118 45.16 -13.18 -18.56
C MET A 118 45.82 -12.20 -17.58
N ASP A 119 47.15 -12.12 -17.60
CA ASP A 119 47.83 -11.13 -16.79
C ASP A 119 47.63 -9.72 -17.34
N THR A 120 47.60 -9.57 -18.67
CA THR A 120 47.19 -8.32 -19.28
C THR A 120 45.79 -7.93 -18.83
N VAL A 121 44.79 -8.77 -19.13
CA VAL A 121 43.40 -8.48 -18.77
C VAL A 121 43.28 -8.14 -17.28
N ILE A 122 43.68 -9.07 -16.41
CA ILE A 122 43.55 -8.85 -14.98
C ILE A 122 44.22 -7.53 -14.57
N SER A 123 45.44 -7.28 -15.06
CA SER A 123 46.10 -6.02 -14.70
C SER A 123 45.26 -4.84 -15.13
N LEU A 124 44.74 -4.87 -16.35
CA LEU A 124 43.86 -3.81 -16.79
C LEU A 124 42.62 -3.73 -15.90
N LEU A 125 41.93 -4.86 -15.68
CA LEU A 125 40.69 -4.79 -14.89
C LEU A 125 40.94 -4.15 -13.53
N THR A 126 42.01 -4.55 -12.84
CA THR A 126 42.18 -4.04 -11.49
C THR A 126 42.70 -2.61 -11.47
N GLY A 127 43.29 -2.14 -12.56
CA GLY A 127 43.64 -0.72 -12.61
C GLY A 127 42.40 0.14 -12.81
N LEU A 128 41.46 -0.35 -13.62
CA LEU A 128 40.23 0.38 -13.85
C LEU A 128 39.32 0.30 -12.63
N SER A 129 39.38 -0.82 -11.91
CA SER A 129 38.65 -1.01 -10.67
C SER A 129 39.09 -0.06 -9.57
N ASP A 130 40.20 0.64 -9.78
CA ASP A 130 40.78 1.54 -8.80
C ASP A 130 40.57 3.00 -9.19
N SER A 131 39.78 3.23 -10.23
CA SER A 131 39.61 4.56 -10.81
C SER A 131 38.43 5.27 -10.17
N GLN A 132 38.64 6.56 -9.87
CA GLN A 132 37.56 7.42 -9.41
C GLN A 132 36.48 7.59 -10.47
N VAL A 133 36.80 7.38 -11.74
CA VAL A 133 35.80 7.51 -12.81
C VAL A 133 34.83 6.35 -12.66
N ARG A 134 33.54 6.64 -12.43
CA ARG A 134 32.65 5.58 -11.98
C ARG A 134 32.36 4.57 -13.10
N ALA A 135 32.12 5.06 -14.32
CA ALA A 135 31.96 4.20 -15.49
C ALA A 135 33.07 3.14 -15.58
N PHE A 136 34.35 3.53 -15.43
CA PHE A 136 35.42 2.54 -15.46
C PHE A 136 35.37 1.62 -14.24
N ARG A 137 35.15 2.17 -13.05
CA ARG A 137 35.29 1.35 -11.83
C ARG A 137 34.14 0.38 -11.69
N HIS A 138 32.94 0.82 -12.07
CA HIS A 138 31.79 -0.06 -12.02
C HIS A 138 31.93 -1.16 -13.07
N THR A 139 32.27 -0.78 -14.31
CA THR A 139 32.36 -1.74 -15.40
C THR A 139 33.51 -2.73 -15.20
N SER A 140 34.69 -2.24 -14.81
CA SER A 140 35.78 -3.16 -14.52
C SER A 140 35.41 -4.11 -13.39
N THR A 141 34.73 -3.61 -12.35
CA THR A 141 34.41 -4.48 -11.22
C THR A 141 33.44 -5.57 -11.64
N LEU A 142 32.49 -5.24 -12.53
CA LEU A 142 31.60 -6.25 -13.07
C LEU A 142 32.40 -7.24 -13.92
N ALA A 143 33.30 -6.71 -14.77
CA ALA A 143 34.12 -7.59 -15.60
C ALA A 143 34.99 -8.47 -14.72
N ALA A 144 35.74 -7.89 -13.79
CA ALA A 144 36.55 -8.75 -12.91
C ALA A 144 35.70 -9.83 -12.25
N MET A 145 34.52 -9.49 -11.78
CA MET A 145 33.72 -10.42 -10.99
C MET A 145 33.26 -11.59 -11.84
N LYS A 146 32.81 -11.33 -13.07
CA LYS A 146 32.46 -12.40 -13.98
C LYS A 146 33.70 -13.16 -14.45
N LEU A 147 34.75 -12.41 -14.78
CA LEU A 147 36.07 -13.01 -14.95
C LEU A 147 36.29 -14.03 -13.85
N MET A 148 36.18 -13.57 -12.60
CA MET A 148 36.55 -14.47 -11.52
C MET A 148 35.66 -15.71 -11.49
N THR A 149 34.36 -15.58 -11.74
CA THR A 149 33.54 -16.78 -11.66
C THR A 149 34.05 -17.83 -12.62
N ALA A 150 34.40 -17.42 -13.85
CA ALA A 150 34.95 -18.35 -14.82
C ALA A 150 36.17 -19.07 -14.26
N LEU A 151 37.09 -18.33 -13.66
CA LEU A 151 38.25 -18.99 -13.09
C LEU A 151 37.84 -20.01 -12.04
N VAL A 152 36.77 -19.75 -11.29
CA VAL A 152 36.31 -20.73 -10.31
C VAL A 152 35.84 -21.98 -11.02
N ASN A 153 35.12 -21.80 -12.12
CA ASN A 153 34.74 -22.91 -12.97
C ASN A 153 35.96 -23.63 -13.51
N VAL A 154 37.06 -22.91 -13.77
CA VAL A 154 38.22 -23.58 -14.32
C VAL A 154 38.89 -24.41 -13.24
N ALA A 155 39.03 -23.85 -12.05
CA ALA A 155 39.64 -24.60 -10.97
C ALA A 155 38.79 -25.80 -10.59
N LEU A 156 37.46 -25.66 -10.68
CA LEU A 156 36.61 -26.79 -10.38
C LEU A 156 36.79 -27.89 -11.43
N ASN A 157 36.95 -27.52 -12.70
CA ASN A 157 37.31 -28.50 -13.70
C ASN A 157 38.68 -29.11 -13.40
N LEU A 158 39.66 -28.30 -13.02
CA LEU A 158 40.97 -28.86 -12.72
C LEU A 158 40.89 -29.83 -11.55
N SER A 159 40.12 -29.47 -10.54
CA SER A 159 40.04 -30.33 -9.37
C SER A 159 39.44 -31.68 -9.75
N ILE A 160 38.54 -31.70 -10.72
CA ILE A 160 37.85 -32.94 -11.08
C ILE A 160 38.79 -33.84 -11.90
N ASN A 161 39.58 -33.25 -12.77
CA ASN A 161 40.53 -34.00 -13.56
C ASN A 161 41.78 -34.33 -12.75
N MET A 162 41.98 -33.71 -11.61
CA MET A 162 43.07 -34.14 -10.73
C MET A 162 42.65 -35.42 -10.00
N ASP A 163 41.38 -35.51 -9.60
CA ASP A 163 40.92 -36.70 -8.87
C ASP A 163 40.61 -37.87 -9.82
N ASN A 164 40.08 -37.58 -11.01
CA ASN A 164 39.93 -38.64 -12.00
C ASN A 164 41.27 -39.29 -12.32
N THR A 165 42.32 -38.48 -12.47
CA THR A 165 43.63 -39.05 -12.76
C THR A 165 44.24 -39.71 -11.54
N GLN A 166 43.90 -39.26 -10.33
CA GLN A 166 44.35 -39.99 -9.15
C GLN A 166 43.73 -41.37 -9.12
N ARG A 167 42.46 -41.47 -9.54
CA ARG A 167 41.77 -42.76 -9.61
C ARG A 167 42.35 -43.64 -10.73
N GLN A 168 42.81 -43.03 -11.82
CA GLN A 168 43.49 -43.80 -12.86
C GLN A 168 44.91 -44.19 -12.46
N TYR A 169 45.55 -43.44 -11.57
CA TYR A 169 46.88 -43.82 -11.11
C TYR A 169 46.81 -44.95 -10.09
N GLU A 170 45.90 -44.83 -9.11
CA GLU A 170 45.77 -45.90 -8.13
C GLU A 170 45.29 -47.19 -8.78
N ALA A 171 44.49 -47.09 -9.84
CA ALA A 171 43.99 -48.28 -10.52
C ALA A 171 45.13 -49.05 -11.19
N GLU A 172 46.01 -48.34 -11.89
CA GLU A 172 47.11 -49.03 -12.57
C GLU A 172 48.18 -49.48 -11.61
N ARG A 173 48.31 -48.84 -10.44
CA ARG A 173 49.15 -49.40 -9.38
C ARG A 173 48.53 -50.69 -8.84
N ASN A 174 47.22 -50.66 -8.58
CA ASN A 174 46.51 -51.83 -8.07
C ASN A 174 46.45 -52.95 -9.07
N LYS A 175 47.11 -52.89 -10.22
CA LYS A 175 47.07 -53.95 -11.22
C LYS A 175 48.29 -53.82 -12.12
N ALA A 181 54.85 -52.14 -17.16
CA ALA A 181 53.67 -51.35 -16.80
C ALA A 181 54.02 -50.12 -15.98
N ASN A 182 55.31 -49.98 -15.65
CA ASN A 182 55.74 -48.93 -14.74
C ASN A 182 55.99 -47.60 -15.43
N GLU A 183 55.98 -47.56 -16.75
CA GLU A 183 56.14 -46.31 -17.49
C GLU A 183 54.82 -45.58 -17.69
N ARG A 184 53.70 -46.18 -17.28
CA ARG A 184 52.41 -45.51 -17.31
C ARG A 184 52.03 -44.92 -15.96
N LEU A 185 52.33 -45.61 -14.85
CA LEU A 185 52.25 -44.95 -13.55
C LEU A 185 53.10 -43.69 -13.52
N GLU A 186 54.17 -43.65 -14.32
CA GLU A 186 55.09 -42.52 -14.34
C GLU A 186 54.55 -41.37 -15.19
N LEU A 187 53.90 -41.69 -16.32
CA LEU A 187 53.24 -40.66 -17.11
C LEU A 187 52.05 -40.07 -16.36
N LEU A 188 51.44 -40.86 -15.47
CA LEU A 188 50.30 -40.36 -14.71
C LEU A 188 50.75 -39.42 -13.59
N LEU A 189 51.86 -39.73 -12.92
CA LEU A 189 52.30 -38.85 -11.83
C LEU A 189 52.91 -37.56 -12.36
N GLN A 190 53.42 -37.55 -13.60
CA GLN A 190 53.79 -36.29 -14.22
C GLN A 190 52.55 -35.52 -14.68
N LYS A 191 51.51 -36.22 -15.14
CA LYS A 191 50.26 -35.55 -15.47
C LYS A 191 49.61 -34.95 -14.23
N ARG A 192 49.73 -35.65 -13.09
CA ARG A 192 49.22 -35.13 -11.83
C ARG A 192 50.02 -33.90 -11.40
N LYS A 193 51.32 -33.89 -11.64
CA LYS A 193 52.13 -32.73 -11.29
C LYS A 193 51.85 -31.56 -12.22
N GLU A 194 51.68 -31.84 -13.52
CA GLU A 194 51.36 -30.75 -14.46
C GLU A 194 50.03 -30.09 -14.10
N LEU A 195 49.02 -30.91 -13.79
CA LEU A 195 47.73 -30.35 -13.41
C LEU A 195 47.84 -29.53 -12.12
N GLN A 196 48.71 -29.95 -11.20
CA GLN A 196 48.89 -29.18 -9.96
C GLN A 196 49.55 -27.84 -10.22
N GLU A 197 50.47 -27.77 -11.17
CA GLU A 197 51.05 -26.49 -11.55
C GLU A 197 49.96 -25.56 -12.03
N ASN A 198 49.09 -26.08 -12.90
CA ASN A 198 48.03 -25.25 -13.47
C ASN A 198 46.99 -24.86 -12.45
N GLN A 199 46.71 -25.73 -11.48
CA GLN A 199 45.92 -25.31 -10.36
C GLN A 199 46.58 -24.11 -9.66
N ASP A 200 47.88 -24.22 -9.38
CA ASP A 200 48.60 -23.11 -8.75
C ASP A 200 48.51 -21.82 -9.58
N GLU A 201 48.58 -21.90 -10.91
CA GLU A 201 48.47 -20.65 -11.67
C GLU A 201 47.06 -20.07 -11.62
N ILE A 202 46.02 -20.91 -11.56
CA ILE A 202 44.65 -20.43 -11.51
C ILE A 202 44.31 -19.87 -10.13
N GLU A 203 44.90 -20.41 -9.06
CA GLU A 203 44.76 -19.79 -7.75
C GLU A 203 45.46 -18.42 -7.71
N ASN A 204 46.62 -18.28 -8.35
CA ASN A 204 47.28 -16.98 -8.39
C ASN A 204 46.35 -15.95 -9.01
N MET A 205 45.79 -16.24 -10.19
CA MET A 205 44.92 -15.27 -10.82
C MET A 205 43.72 -14.96 -9.93
N MET A 206 43.13 -16.00 -9.32
CA MET A 206 41.95 -15.79 -8.50
C MET A 206 42.27 -14.92 -7.31
N ASN A 207 43.43 -15.18 -6.72
CA ASN A 207 43.91 -14.35 -5.64
C ASN A 207 44.22 -12.94 -6.11
N ALA A 208 44.59 -12.76 -7.37
CA ALA A 208 44.87 -11.40 -7.82
C ALA A 208 43.59 -10.59 -7.88
N ILE A 209 42.55 -11.16 -8.51
CA ILE A 209 41.26 -10.49 -8.60
C ILE A 209 40.72 -10.20 -7.20
N PHE A 210 40.81 -11.20 -6.31
CA PHE A 210 40.17 -11.11 -5.02
C PHE A 210 40.78 -10.04 -4.15
N LYS A 211 42.12 -10.02 -4.07
CA LYS A 211 42.77 -9.06 -3.20
C LYS A 211 42.89 -7.72 -3.90
N GLY A 212 42.92 -7.74 -5.23
CA GLY A 212 43.05 -6.52 -6.03
C GLY A 212 41.74 -5.82 -6.35
N VAL A 213 40.65 -6.58 -6.41
CA VAL A 213 39.40 -5.95 -6.79
C VAL A 213 38.39 -6.20 -5.68
N PHE A 214 38.11 -7.46 -5.35
CA PHE A 214 36.95 -7.75 -4.52
C PHE A 214 37.03 -7.08 -3.15
N VAL A 215 38.13 -7.31 -2.42
CA VAL A 215 38.14 -6.84 -1.04
C VAL A 215 38.13 -5.32 -0.94
N HIS A 216 38.26 -4.62 -2.05
CA HIS A 216 38.11 -3.18 -2.03
C HIS A 216 36.75 -2.77 -2.52
N ARG A 217 36.25 -3.46 -3.54
CA ARG A 217 35.07 -3.01 -4.24
C ARG A 217 33.79 -3.52 -3.62
N TYR A 218 33.86 -4.56 -2.78
CA TYR A 218 32.66 -4.96 -2.04
C TYR A 218 32.27 -3.91 -1.03
N ARG A 219 33.20 -3.04 -0.67
CA ARG A 219 32.92 -1.92 0.23
C ARG A 219 33.01 -0.60 -0.55
N ASP A 220 32.67 -0.65 -1.84
CA ASP A 220 32.64 0.53 -2.68
C ASP A 220 31.65 1.55 -2.13
N ALA A 221 31.98 2.83 -2.29
CA ALA A 221 31.03 3.88 -2.01
C ALA A 221 29.72 3.69 -2.79
N ILE A 222 29.79 3.13 -3.99
CA ILE A 222 28.62 3.01 -4.84
C ILE A 222 27.97 1.66 -4.55
N ALA A 223 26.70 1.70 -4.13
CA ALA A 223 26.04 0.49 -3.65
C ALA A 223 25.90 -0.56 -4.74
N GLU A 224 25.67 -0.16 -6.00
CA GLU A 224 25.52 -1.17 -7.06
C GLU A 224 26.81 -1.96 -7.23
N ILE A 225 27.96 -1.29 -7.09
CA ILE A 225 29.24 -2.00 -7.10
C ILE A 225 29.31 -2.92 -5.90
N ARG A 226 28.84 -2.45 -4.75
CA ARG A 226 28.77 -3.32 -3.59
C ARG A 226 27.95 -4.57 -3.90
N ALA A 227 26.87 -4.41 -4.68
CA ALA A 227 25.96 -5.54 -4.85
C ALA A 227 26.50 -6.51 -5.88
N ILE A 228 27.31 -6.03 -6.82
CA ILE A 228 27.93 -6.90 -7.81
C ILE A 228 28.88 -7.88 -7.14
N CYS A 229 29.65 -7.42 -6.16
CA CYS A 229 30.61 -8.30 -5.52
C CYS A 229 29.90 -9.35 -4.67
N ILE A 230 28.90 -8.94 -3.89
CA ILE A 230 28.22 -9.87 -3.00
C ILE A 230 27.49 -10.94 -3.79
N GLU A 231 26.78 -10.55 -4.84
CA GLU A 231 26.14 -11.57 -5.65
C GLU A 231 27.16 -12.58 -6.17
N GLU A 232 28.35 -12.13 -6.58
CA GLU A 232 29.28 -13.04 -7.23
C GLU A 232 29.99 -13.93 -6.20
N ILE A 233 30.29 -13.43 -5.00
CA ILE A 233 30.81 -14.31 -3.97
C ILE A 233 29.75 -15.35 -3.58
N GLY A 234 28.46 -14.98 -3.66
CA GLY A 234 27.43 -15.98 -3.46
C GLY A 234 27.51 -17.06 -4.50
N ILE A 235 27.89 -16.70 -5.71
CA ILE A 235 27.96 -17.67 -6.79
C ILE A 235 29.16 -18.61 -6.62
N TRP A 236 30.37 -18.09 -6.34
CA TRP A 236 31.48 -19.02 -6.15
C TRP A 236 31.22 -19.96 -5.00
N MET A 237 30.70 -19.44 -3.90
CA MET A 237 30.50 -20.31 -2.75
C MET A 237 29.56 -21.42 -3.11
N LYS A 238 28.62 -21.15 -4.03
CA LYS A 238 27.65 -22.16 -4.43
C LYS A 238 28.27 -23.19 -5.37
N MET A 239 29.03 -22.73 -6.37
CA MET A 239 29.52 -23.53 -7.48
C MET A 239 30.69 -24.43 -7.06
N TYR A 240 31.62 -23.91 -6.27
CA TYR A 240 32.79 -24.64 -5.81
C TYR A 240 32.82 -24.64 -4.29
N SER A 241 31.78 -25.22 -3.69
CA SER A 241 31.60 -25.22 -2.24
C SER A 241 32.83 -25.76 -1.54
N ASP A 242 33.50 -26.78 -2.11
CA ASP A 242 34.64 -27.40 -1.41
C ASP A 242 35.76 -26.38 -1.16
N ALA A 243 36.01 -25.47 -2.10
CA ALA A 243 37.07 -24.50 -1.97
C ALA A 243 36.58 -23.16 -1.41
N PHE A 244 35.32 -22.79 -1.58
CA PHE A 244 34.87 -21.44 -1.27
C PHE A 244 33.81 -21.30 -0.17
N LEU A 245 33.11 -22.35 0.20
CA LEU A 245 32.13 -22.31 1.28
C LEU A 245 32.86 -22.37 2.63
N ASN A 246 33.36 -21.23 3.06
CA ASN A 246 34.20 -21.16 4.24
C ASN A 246 33.79 -19.95 5.05
N ASP A 247 34.33 -19.85 6.27
CA ASP A 247 34.18 -18.65 7.07
C ASP A 247 34.90 -17.46 6.45
N SER A 248 36.02 -17.68 5.78
CA SER A 248 36.87 -16.62 5.27
C SER A 248 36.35 -16.01 3.98
N TYR A 249 35.35 -16.63 3.34
CA TYR A 249 34.61 -15.99 2.25
C TYR A 249 33.26 -15.52 2.75
N LEU A 250 32.65 -16.26 3.65
CA LEU A 250 31.30 -15.94 4.12
C LEU A 250 31.28 -14.69 4.98
N LYS A 251 32.37 -14.38 5.67
CA LYS A 251 32.43 -13.17 6.50
C LYS A 251 32.02 -11.91 5.71
N TYR A 252 32.42 -11.84 4.45
CA TYR A 252 32.00 -10.68 3.66
C TYR A 252 30.49 -10.61 3.58
N VAL A 253 29.81 -11.75 3.46
CA VAL A 253 28.35 -11.72 3.37
C VAL A 253 27.75 -11.35 4.72
N GLY A 254 28.22 -11.98 5.79
CA GLY A 254 27.86 -11.56 7.13
C GLY A 254 27.88 -10.06 7.28
N TRP A 255 29.06 -9.45 7.15
CA TRP A 255 29.19 -8.01 7.35
C TRP A 255 28.21 -7.23 6.47
N THR A 256 28.19 -7.53 5.18
CA THR A 256 27.40 -6.74 4.22
C THR A 256 25.90 -6.85 4.48
N MET A 257 25.45 -7.85 5.25
CA MET A 257 24.04 -7.92 5.60
C MET A 257 23.58 -6.65 6.30
N HIS A 258 24.51 -5.93 6.91
CA HIS A 258 24.24 -4.68 7.61
C HIS A 258 24.38 -3.47 6.72
N ASP A 259 24.67 -3.67 5.45
CA ASP A 259 24.72 -2.55 4.52
C ASP A 259 23.50 -1.67 4.69
N LYS A 260 23.65 -0.38 4.41
CA LYS A 260 22.52 0.53 4.57
C LYS A 260 21.62 0.59 3.33
N GLN A 261 21.90 -0.16 2.28
CA GLN A 261 21.12 -0.08 1.05
C GLN A 261 20.44 -1.42 0.76
N GLY A 262 19.15 -1.36 0.41
CA GLY A 262 18.34 -2.55 0.29
C GLY A 262 18.84 -3.50 -0.80
N GLU A 263 19.13 -2.97 -1.99
CA GLU A 263 19.65 -3.82 -3.06
C GLU A 263 20.82 -4.67 -2.56
N VAL A 264 21.65 -4.11 -1.67
CA VAL A 264 22.80 -4.86 -1.20
C VAL A 264 22.35 -5.97 -0.27
N ARG A 265 21.54 -5.63 0.75
CA ARG A 265 21.04 -6.62 1.71
C ARG A 265 20.25 -7.72 1.02
N LEU A 266 19.57 -7.40 -0.08
CA LEU A 266 18.83 -8.41 -0.83
C LEU A 266 19.78 -9.42 -1.46
N LYS A 267 20.89 -8.95 -2.00
CA LYS A 267 21.84 -9.87 -2.64
C LYS A 267 22.51 -10.75 -1.60
N CYS A 268 22.77 -10.22 -0.40
CA CYS A 268 23.29 -11.08 0.66
C CYS A 268 22.37 -12.26 0.92
N LEU A 269 21.06 -12.02 0.88
CA LEU A 269 20.15 -13.05 1.33
C LEU A 269 19.90 -14.07 0.24
N THR A 270 19.74 -13.61 -1.00
CA THR A 270 19.70 -14.57 -2.10
C THR A 270 20.97 -15.41 -2.12
N ALA A 271 22.14 -14.79 -1.90
CA ALA A 271 23.38 -15.55 -1.84
C ALA A 271 23.32 -16.64 -0.78
N LEU A 272 22.87 -16.29 0.43
CA LEU A 272 22.74 -17.30 1.48
C LEU A 272 21.63 -18.30 1.16
N GLN A 273 20.55 -17.83 0.53
CA GLN A 273 19.48 -18.74 0.14
C GLN A 273 20.02 -19.83 -0.76
N GLY A 274 20.94 -19.46 -1.65
CA GLY A 274 21.57 -20.44 -2.52
C GLY A 274 22.37 -21.49 -1.78
N LEU A 275 22.93 -21.15 -0.63
CA LEU A 275 23.72 -22.12 0.10
C LEU A 275 22.87 -23.05 0.94
N TYR A 276 21.55 -22.95 0.85
CA TYR A 276 20.65 -23.73 1.66
C TYR A 276 19.74 -24.64 0.87
N TYR A 277 19.19 -24.22 -0.27
CA TYR A 277 18.56 -25.25 -1.09
C TYR A 277 19.63 -26.21 -1.63
N ASN A 278 20.88 -25.79 -1.69
CA ASN A 278 21.99 -26.75 -1.74
C ASN A 278 21.79 -27.82 -0.67
N LYS A 279 21.61 -27.39 0.59
CA LYS A 279 21.04 -28.13 1.71
C LYS A 279 21.85 -29.33 2.14
N GLU A 280 23.05 -29.53 1.61
CA GLU A 280 23.77 -30.77 1.89
C GLU A 280 24.77 -30.55 3.03
N LEU A 281 24.29 -30.85 4.24
CA LEU A 281 25.11 -31.13 5.40
C LEU A 281 26.32 -30.23 5.61
N ASN A 282 26.23 -28.94 5.34
CA ASN A 282 27.37 -28.09 5.63
C ASN A 282 27.36 -27.73 7.11
N SER A 283 28.53 -27.80 7.73
CA SER A 283 28.71 -27.44 9.13
C SER A 283 29.36 -26.08 9.32
N LYS A 284 30.21 -25.66 8.37
CA LYS A 284 30.72 -24.30 8.42
C LYS A 284 29.62 -23.28 8.20
N LEU A 285 28.44 -23.72 7.73
CA LEU A 285 27.25 -22.87 7.75
C LEU A 285 26.65 -22.77 9.14
N GLU A 286 26.84 -23.78 10.00
CA GLU A 286 26.31 -23.70 11.35
C GLU A 286 26.95 -22.56 12.11
N LEU A 287 28.28 -22.47 12.05
CA LEU A 287 28.99 -21.40 12.73
C LEU A 287 28.53 -20.02 12.26
N PHE A 288 28.28 -19.87 10.96
CA PHE A 288 27.82 -18.60 10.43
C PHE A 288 26.41 -18.27 10.91
N THR A 289 25.55 -19.28 11.03
CA THR A 289 24.16 -19.00 11.37
C THR A 289 24.00 -18.78 12.85
N SER A 290 24.81 -19.44 13.67
CA SER A 290 24.85 -19.14 15.09
C SER A 290 25.25 -17.71 15.35
N ARG A 291 26.16 -17.17 14.53
CA ARG A 291 26.63 -15.81 14.74
C ARG A 291 25.68 -14.80 14.14
N PHE A 292 25.11 -15.07 12.97
CA PHE A 292 24.29 -14.08 12.30
C PHE A 292 22.79 -14.38 12.34
N LYS A 293 22.33 -15.28 13.21
CA LYS A 293 20.91 -15.62 13.24
C LYS A 293 20.05 -14.46 13.73
N ASP A 294 20.54 -13.71 14.73
CA ASP A 294 19.74 -12.61 15.24
C ASP A 294 19.56 -11.53 14.18
N ARG A 295 20.60 -11.26 13.41
CA ARG A 295 20.49 -10.28 12.34
C ARG A 295 19.50 -10.73 11.27
N ILE A 296 19.55 -12.02 10.90
CA ILE A 296 18.63 -12.54 9.88
C ILE A 296 17.18 -12.42 10.36
N VAL A 297 16.92 -12.78 11.61
CA VAL A 297 15.60 -12.60 12.17
C VAL A 297 15.20 -11.13 12.16
N SER A 298 16.13 -10.24 12.55
CA SER A 298 15.82 -8.82 12.57
C SER A 298 15.39 -8.29 11.20
N MET A 299 15.82 -8.96 10.11
CA MET A 299 15.50 -8.57 8.75
C MET A 299 14.13 -9.05 8.30
N THR A 300 13.39 -9.74 9.18
CA THR A 300 11.96 -9.97 8.93
C THR A 300 11.17 -8.67 9.02
N LEU A 301 11.75 -7.62 9.62
CA LEU A 301 11.17 -6.29 9.65
C LEU A 301 12.09 -5.30 8.91
N ASP A 302 12.71 -5.74 7.81
CA ASP A 302 13.53 -4.82 7.03
C ASP A 302 12.69 -3.65 6.55
N LYS A 303 13.30 -2.45 6.55
CA LYS A 303 12.57 -1.28 6.06
C LYS A 303 12.09 -1.54 4.63
N GLU A 304 12.87 -2.29 3.88
CA GLU A 304 12.53 -2.65 2.51
C GLU A 304 11.85 -4.02 2.50
N TYR A 305 10.70 -4.11 1.81
CA TYR A 305 9.83 -5.29 1.89
C TYR A 305 10.48 -6.53 1.28
N ASP A 306 11.03 -6.37 0.07
CA ASP A 306 11.64 -7.50 -0.64
C ASP A 306 12.67 -8.20 0.22
N VAL A 307 13.46 -7.43 0.99
CA VAL A 307 14.46 -8.04 1.85
C VAL A 307 13.78 -8.84 2.95
N ALA A 308 12.71 -8.28 3.51
CA ALA A 308 11.94 -8.99 4.53
C ALA A 308 11.44 -10.33 4.01
N VAL A 309 10.91 -10.36 2.78
CA VAL A 309 10.48 -11.64 2.24
C VAL A 309 11.63 -12.64 2.25
N GLN A 310 12.76 -12.26 1.64
CA GLN A 310 13.88 -13.17 1.54
C GLN A 310 14.38 -13.58 2.92
N ALA A 311 14.49 -12.61 3.84
CA ALA A 311 14.81 -12.96 5.22
C ALA A 311 13.90 -14.07 5.73
N ILE A 312 12.59 -13.93 5.55
CA ILE A 312 11.67 -14.96 6.01
C ILE A 312 11.93 -16.26 5.27
N LYS A 313 11.98 -16.19 3.95
CA LYS A 313 12.21 -17.39 3.13
C LYS A 313 13.48 -18.11 3.56
N LEU A 314 14.58 -17.38 3.69
CA LEU A 314 15.81 -17.98 4.19
C LEU A 314 15.59 -18.69 5.52
N LEU A 315 14.89 -18.02 6.45
CA LEU A 315 14.70 -18.59 7.78
C LEU A 315 13.91 -19.88 7.71
N THR A 316 13.01 -20.00 6.73
CA THR A 316 12.27 -21.25 6.56
C THR A 316 13.20 -22.35 6.08
N LEU A 317 14.15 -22.02 5.20
CA LEU A 317 15.17 -23.00 4.82
C LEU A 317 15.93 -23.46 6.06
N VAL A 318 16.35 -22.52 6.88
CA VAL A 318 17.09 -22.85 8.09
C VAL A 318 16.36 -23.90 8.87
N LEU A 319 15.05 -23.74 9.00
CA LEU A 319 14.23 -24.69 9.72
C LEU A 319 14.40 -26.08 9.15
N GLN A 320 14.31 -26.20 7.82
CA GLN A 320 14.52 -27.48 7.16
C GLN A 320 15.91 -28.02 7.44
N SER A 321 16.94 -27.27 7.09
CA SER A 321 18.30 -27.72 7.29
C SER A 321 18.49 -28.24 8.71
N SER A 322 17.88 -27.59 9.70
CA SER A 322 18.22 -27.92 11.08
C SER A 322 17.09 -27.81 12.11
N GLU A 323 16.30 -26.75 12.08
CA GLU A 323 15.12 -26.63 12.94
C GLU A 323 15.54 -26.32 14.38
N GLU A 324 16.28 -27.21 15.04
CA GLU A 324 16.73 -26.92 16.41
C GLU A 324 17.28 -25.52 16.59
N VAL A 325 17.71 -24.86 15.50
CA VAL A 325 18.55 -23.68 15.60
C VAL A 325 17.70 -22.50 16.05
N LEU A 326 16.40 -22.46 15.73
CA LEU A 326 15.74 -21.16 15.64
C LEU A 326 15.30 -20.60 16.98
N THR A 327 14.86 -21.43 17.91
CA THR A 327 14.51 -20.92 19.23
C THR A 327 13.18 -20.20 19.17
N ALA A 328 12.43 -20.26 20.27
CA ALA A 328 10.99 -19.98 20.28
C ALA A 328 10.68 -18.50 20.00
N GLU A 329 11.34 -17.61 20.74
CA GLU A 329 11.08 -16.19 20.56
C GLU A 329 11.23 -15.79 19.11
N ASP A 330 12.26 -16.30 18.43
CA ASP A 330 12.46 -16.00 17.02
C ASP A 330 11.27 -16.47 16.19
N CYS A 331 10.84 -17.71 16.41
CA CYS A 331 9.70 -18.26 15.67
C CYS A 331 8.45 -17.41 15.86
N GLU A 332 8.20 -16.94 17.09
CA GLU A 332 7.01 -16.13 17.33
C GLU A 332 7.12 -14.78 16.62
N ASN A 333 8.33 -14.20 16.53
CA ASN A 333 8.46 -12.96 15.79
C ASN A 333 8.11 -13.16 14.32
N VAL A 334 8.54 -14.28 13.74
CA VAL A 334 8.17 -14.61 12.38
C VAL A 334 6.66 -14.83 12.26
N TYR A 335 6.04 -15.54 13.24
CA TYR A 335 4.60 -15.81 13.14
C TYR A 335 3.80 -14.51 13.08
N HIS A 336 4.17 -13.53 13.91
CA HIS A 336 3.42 -12.27 13.95
C HIS A 336 3.21 -11.70 12.54
N LEU A 337 4.13 -11.99 11.61
CA LEU A 337 4.10 -11.36 10.30
C LEU A 337 3.03 -11.89 9.38
N VAL A 338 2.32 -12.98 9.74
CA VAL A 338 1.16 -13.38 8.94
C VAL A 338 0.10 -12.29 8.97
N TYR A 339 0.21 -11.35 9.91
CA TYR A 339 -0.76 -10.26 10.04
C TYR A 339 -0.29 -8.99 9.37
N SER A 340 0.79 -9.06 8.59
CA SER A 340 1.40 -7.90 7.99
C SER A 340 0.58 -7.37 6.83
N ALA A 341 0.70 -6.07 6.58
CA ALA A 341 -0.08 -5.45 5.52
C ALA A 341 0.32 -5.95 4.14
N HIS A 342 1.56 -6.40 3.98
CA HIS A 342 2.12 -6.72 2.66
C HIS A 342 2.05 -8.23 2.43
N ARG A 343 1.16 -8.65 1.54
CA ARG A 343 0.93 -10.08 1.32
C ARG A 343 2.19 -10.86 0.99
N PRO A 344 3.15 -10.35 0.20
CA PRO A 344 4.38 -11.14 -0.04
C PRO A 344 5.13 -11.46 1.26
N VAL A 345 5.01 -10.61 2.28
CA VAL A 345 5.55 -10.98 3.59
C VAL A 345 4.61 -11.94 4.31
N ALA A 346 3.32 -11.64 4.28
CA ALA A 346 2.35 -12.41 5.07
C ALA A 346 2.35 -13.89 4.68
N VAL A 347 2.41 -14.18 3.37
CA VAL A 347 2.39 -15.60 2.96
C VAL A 347 3.77 -16.25 3.15
N ALA A 348 4.86 -15.47 3.09
CA ALA A 348 6.15 -16.03 3.49
C ALA A 348 6.09 -16.49 4.94
N ALA A 349 5.64 -15.63 5.85
CA ALA A 349 5.48 -16.05 7.23
C ALA A 349 4.42 -17.15 7.34
N GLY A 350 3.39 -17.12 6.50
CA GLY A 350 2.42 -18.19 6.49
C GLY A 350 3.08 -19.54 6.23
N GLU A 351 4.01 -19.58 5.27
CA GLU A 351 4.74 -20.80 4.96
C GLU A 351 5.61 -21.23 6.13
N PHE A 352 6.31 -20.29 6.76
CA PHE A 352 7.06 -20.61 7.96
C PHE A 352 6.15 -21.16 9.05
N LEU A 353 4.96 -20.59 9.22
CA LEU A 353 4.06 -21.05 10.27
C LEU A 353 3.52 -22.44 9.94
N TYR A 354 3.10 -22.67 8.69
CA TYR A 354 2.70 -24.01 8.27
C TYR A 354 3.80 -25.02 8.54
N LYS A 355 5.01 -24.73 8.06
CA LYS A 355 6.11 -25.67 8.17
C LYS A 355 6.40 -26.02 9.61
N LYS A 356 6.45 -25.02 10.48
CA LYS A 356 6.93 -25.26 11.83
C LYS A 356 5.92 -26.03 12.66
N LEU A 357 4.61 -25.78 12.50
CA LEU A 357 3.65 -26.30 13.46
C LEU A 357 2.40 -26.95 12.87
N PHE A 358 2.31 -27.14 11.55
CA PHE A 358 1.21 -27.89 10.94
C PHE A 358 1.81 -28.99 10.05
N SER A 359 1.99 -30.17 10.62
CA SER A 359 2.63 -31.27 9.92
C SER A 359 2.11 -32.63 10.38
N GLY A 376 -11.79 -36.61 11.83
CA GLY A 376 -10.95 -36.70 10.64
C GLY A 376 -9.50 -36.34 10.91
N PRO A 377 -8.65 -36.49 9.90
CA PRO A 377 -7.22 -36.18 10.12
C PRO A 377 -6.97 -34.70 10.41
N ASN A 378 -7.56 -33.81 9.60
CA ASN A 378 -7.38 -32.37 9.79
C ASN A 378 -8.08 -31.83 11.01
N ALA A 379 -8.69 -32.68 11.83
CA ALA A 379 -9.40 -32.17 13.00
C ALA A 379 -8.46 -31.36 13.88
N ASN A 380 -7.30 -31.92 14.21
CA ASN A 380 -6.44 -31.25 15.18
C ASN A 380 -5.66 -30.10 14.55
N LEU A 381 -5.31 -30.21 13.28
CA LEU A 381 -4.71 -29.08 12.57
C LEU A 381 -5.63 -27.88 12.57
N VAL A 382 -6.95 -28.10 12.53
CA VAL A 382 -7.88 -26.97 12.58
C VAL A 382 -7.88 -26.37 13.98
N LYS A 383 -7.85 -27.22 15.01
CA LYS A 383 -7.85 -26.70 16.37
C LYS A 383 -6.59 -25.87 16.64
N THR A 384 -5.44 -26.28 16.09
CA THR A 384 -4.20 -25.55 16.33
C THR A 384 -4.20 -24.18 15.65
N LEU A 385 -4.81 -24.08 14.46
CA LEU A 385 -5.02 -22.78 13.83
C LEU A 385 -5.86 -21.89 14.74
N VAL A 386 -6.92 -22.45 15.31
CA VAL A 386 -7.79 -21.70 16.21
C VAL A 386 -7.01 -21.29 17.45
N PHE A 387 -6.26 -22.24 18.04
CA PHE A 387 -5.45 -21.89 19.19
C PHE A 387 -4.44 -20.80 18.81
N PHE A 388 -3.82 -20.90 17.64
CA PHE A 388 -2.85 -19.88 17.25
C PHE A 388 -3.53 -18.52 17.12
N PHE A 389 -4.68 -18.47 16.43
CA PHE A 389 -5.38 -17.20 16.21
C PHE A 389 -5.78 -16.56 17.53
N LEU A 390 -6.10 -17.35 18.54
CA LEU A 390 -6.49 -16.77 19.82
C LEU A 390 -5.28 -16.39 20.67
N GLU A 391 -4.18 -17.13 20.53
CA GLU A 391 -2.99 -16.86 21.33
C GLU A 391 -2.23 -15.64 20.83
N SER A 392 -2.34 -15.32 19.54
CA SER A 392 -1.70 -14.16 18.96
C SER A 392 -2.76 -13.05 18.94
N GLU A 393 -2.80 -12.27 20.02
CA GLU A 393 -3.80 -11.21 20.16
C GLU A 393 -3.30 -9.93 19.50
N LEU A 394 -3.37 -9.94 18.20
CA LEU A 394 -3.05 -8.81 17.34
C LEU A 394 -4.23 -8.43 16.43
N HIS A 395 -5.03 -9.42 16.03
CA HIS A 395 -6.19 -9.21 15.17
C HIS A 395 -7.42 -9.80 15.85
N GLU A 396 -8.54 -9.10 15.76
CA GLU A 396 -9.79 -9.59 16.33
C GLU A 396 -10.48 -10.57 15.39
N HIS A 397 -10.28 -10.42 14.10
CA HIS A 397 -10.81 -11.31 13.09
C HIS A 397 -9.69 -12.11 12.45
N ALA A 398 -10.08 -13.01 11.55
CA ALA A 398 -9.15 -13.98 10.95
C ALA A 398 -8.97 -13.79 9.46
N ALA A 399 -9.57 -12.77 8.86
CA ALA A 399 -9.46 -12.59 7.41
C ALA A 399 -8.01 -12.69 6.95
N TYR A 400 -7.12 -11.87 7.53
CA TYR A 400 -5.72 -11.82 7.14
C TYR A 400 -4.93 -13.04 7.60
N LEU A 401 -5.30 -13.68 8.70
CA LEU A 401 -4.66 -14.95 9.02
C LEU A 401 -4.97 -15.99 7.95
N VAL A 402 -6.24 -16.08 7.56
CA VAL A 402 -6.64 -17.06 6.55
C VAL A 402 -5.98 -16.76 5.22
N ASP A 403 -5.80 -15.49 4.87
CA ASP A 403 -5.24 -15.17 3.57
C ASP A 403 -3.74 -15.39 3.53
N SER A 404 -3.06 -15.31 4.67
CA SER A 404 -1.63 -15.59 4.69
C SER A 404 -1.36 -17.05 4.39
N MET A 405 -2.38 -17.89 4.49
CA MET A 405 -2.20 -19.32 4.37
C MET A 405 -3.10 -19.94 3.32
N TRP A 406 -3.84 -19.13 2.57
CA TRP A 406 -4.63 -19.67 1.48
C TRP A 406 -3.74 -20.42 0.49
N ASP A 407 -2.51 -19.93 0.29
CA ASP A 407 -1.69 -20.46 -0.79
C ASP A 407 -0.98 -21.77 -0.42
N CYS A 408 -0.60 -21.94 0.84
CA CYS A 408 0.14 -23.15 1.18
C CYS A 408 -0.78 -24.24 1.71
N ALA A 409 -1.66 -23.90 2.66
CA ALA A 409 -2.52 -24.87 3.33
C ALA A 409 -3.96 -24.83 2.82
N THR A 410 -4.15 -24.48 1.54
CA THR A 410 -5.50 -24.51 0.97
C THR A 410 -6.19 -25.85 1.18
N GLU A 411 -5.42 -26.94 1.18
CA GLU A 411 -6.01 -28.26 1.42
C GLU A 411 -6.82 -28.29 2.72
N LEU A 412 -6.30 -27.64 3.77
CA LEU A 412 -6.88 -27.67 5.11
C LEU A 412 -7.96 -26.63 5.29
N LEU A 413 -7.68 -25.37 4.94
CA LEU A 413 -8.62 -24.27 5.18
C LEU A 413 -9.94 -24.47 4.44
N LYS A 414 -10.06 -25.49 3.57
CA LYS A 414 -11.30 -25.76 2.84
C LYS A 414 -11.98 -27.03 3.32
N ASP A 415 -11.53 -27.60 4.43
CA ASP A 415 -12.21 -28.74 5.04
C ASP A 415 -13.30 -28.24 5.97
N TRP A 416 -14.34 -27.69 5.34
CA TRP A 416 -15.47 -27.17 6.11
C TRP A 416 -16.25 -28.27 6.80
N GLU A 417 -16.44 -29.42 6.13
CA GLU A 417 -17.13 -30.52 6.80
C GLU A 417 -16.45 -30.85 8.11
N CYS A 418 -15.11 -30.74 8.13
CA CYS A 418 -14.37 -31.01 9.35
C CYS A 418 -14.63 -29.93 10.39
N MET A 419 -14.65 -28.67 9.96
CA MET A 419 -15.06 -27.60 10.86
C MET A 419 -16.54 -27.70 11.18
N ASN A 420 -17.36 -28.06 10.19
CA ASN A 420 -18.81 -28.07 10.36
C ASN A 420 -19.22 -28.89 11.58
N SER A 421 -19.00 -30.21 11.53
CA SER A 421 -19.38 -31.08 12.64
C SER A 421 -18.47 -30.93 13.85
N LEU A 422 -17.34 -30.25 13.71
CA LEU A 422 -16.54 -29.95 14.90
C LEU A 422 -17.21 -28.91 15.79
N LEU A 423 -18.11 -28.08 15.24
CA LEU A 423 -18.89 -27.17 16.06
C LEU A 423 -20.20 -27.79 16.52
N LEU A 424 -20.54 -28.98 16.02
CA LEU A 424 -21.80 -29.63 16.34
C LEU A 424 -21.60 -30.94 17.06
N GLU A 425 -21.00 -31.94 16.41
CA GLU A 425 -21.09 -33.33 16.87
C GLU A 425 -20.07 -33.60 17.98
N GLU A 426 -20.29 -32.94 19.12
CA GLU A 426 -19.55 -33.22 20.35
C GLU A 426 -18.05 -33.15 20.13
N GLU A 432 -11.78 -33.54 26.67
CA GLU A 432 -12.09 -32.12 26.58
C GLU A 432 -12.80 -31.77 25.26
N ALA A 433 -13.74 -30.81 25.30
CA ALA A 433 -14.46 -30.40 24.11
C ALA A 433 -13.92 -29.08 23.58
N LEU A 434 -14.80 -28.14 23.24
CA LEU A 434 -14.39 -26.84 22.71
C LEU A 434 -14.81 -25.73 23.68
N THR A 435 -13.88 -24.88 24.06
CA THR A 435 -14.27 -23.69 24.82
C THR A 435 -15.18 -22.83 23.95
N ASP A 436 -15.69 -21.73 24.52
CA ASP A 436 -16.58 -20.82 23.83
C ASP A 436 -15.84 -19.75 23.03
N ARG A 437 -14.68 -19.30 23.51
CA ARG A 437 -13.81 -18.49 22.66
C ARG A 437 -13.35 -19.28 21.44
N GLN A 438 -13.11 -20.57 21.61
CA GLN A 438 -12.61 -21.38 20.50
C GLN A 438 -13.68 -21.61 19.46
N GLU A 439 -14.92 -21.85 19.89
CA GLU A 439 -16.03 -21.96 18.94
C GLU A 439 -16.19 -20.65 18.17
N SER A 440 -16.10 -19.51 18.86
CA SER A 440 -16.22 -18.24 18.14
C SER A 440 -15.02 -18.02 17.23
N ALA A 441 -13.83 -18.42 17.65
CA ALA A 441 -12.68 -18.28 16.75
C ALA A 441 -12.88 -19.15 15.51
N LEU A 442 -13.44 -20.35 15.68
CA LEU A 442 -13.58 -21.29 14.58
C LEU A 442 -14.65 -20.84 13.58
N ILE A 443 -15.74 -20.23 14.05
CA ILE A 443 -16.72 -19.72 13.09
C ILE A 443 -16.09 -18.63 12.23
N GLU A 444 -15.43 -17.67 12.87
CA GLU A 444 -14.80 -16.59 12.10
C GLU A 444 -13.74 -17.16 11.18
N ILE A 445 -12.91 -18.08 11.68
CA ILE A 445 -11.92 -18.69 10.80
C ILE A 445 -12.62 -19.39 9.64
N MET A 446 -13.63 -20.22 9.97
CA MET A 446 -14.40 -20.91 8.94
C MET A 446 -15.06 -19.92 7.98
N LEU A 447 -15.76 -18.92 8.53
CA LEU A 447 -16.40 -17.92 7.68
C LEU A 447 -15.40 -17.21 6.80
N CYS A 448 -14.15 -17.06 7.28
CA CYS A 448 -13.13 -16.40 6.46
C CYS A 448 -12.72 -17.29 5.30
N THR A 449 -12.43 -18.56 5.58
CA THR A 449 -12.17 -19.53 4.51
C THR A 449 -13.30 -19.55 3.48
N ILE A 450 -14.56 -19.54 3.95
CA ILE A 450 -15.67 -19.55 3.02
C ILE A 450 -15.62 -18.32 2.11
N ARG A 451 -15.47 -17.13 2.70
CA ARG A 451 -15.45 -15.91 1.89
C ARG A 451 -14.31 -15.94 0.88
N GLN A 452 -13.09 -16.25 1.33
CA GLN A 452 -11.96 -16.30 0.41
C GLN A 452 -12.11 -17.42 -0.61
N ALA A 453 -12.87 -18.48 -0.30
CA ALA A 453 -13.04 -19.56 -1.28
C ALA A 453 -14.10 -19.21 -2.32
N ALA A 454 -15.21 -18.62 -1.87
CA ALA A 454 -16.25 -18.16 -2.81
C ALA A 454 -15.78 -16.95 -3.59
N GLU A 455 -15.43 -15.87 -2.90
CA GLU A 455 -14.80 -14.73 -3.54
C GLU A 455 -13.31 -15.04 -3.62
N CYS A 456 -12.81 -15.41 -4.80
CA CYS A 456 -11.39 -15.75 -4.94
C CYS A 456 -10.56 -14.48 -5.14
N HIS A 457 -10.47 -13.71 -4.06
CA HIS A 457 -9.57 -12.57 -3.95
C HIS A 457 -9.06 -12.50 -2.53
N PRO A 458 -7.97 -11.81 -2.26
CA PRO A 458 -7.57 -11.56 -0.86
C PRO A 458 -8.46 -10.52 -0.22
N PRO A 459 -8.38 -10.34 1.10
CA PRO A 459 -9.09 -9.23 1.75
C PRO A 459 -8.45 -7.88 1.38
N VAL A 460 -9.16 -6.81 1.74
CA VAL A 460 -8.73 -5.47 1.33
C VAL A 460 -7.31 -5.20 1.82
N GLY A 461 -6.50 -4.58 0.98
CA GLY A 461 -5.13 -4.24 1.31
C GLY A 461 -4.14 -5.36 1.09
N ARG A 462 -4.60 -6.51 0.63
CA ARG A 462 -3.77 -7.66 0.31
C ARG A 462 -3.82 -8.02 -1.17
N GLY A 463 -4.90 -7.67 -1.85
CA GLY A 463 -5.15 -8.17 -3.18
C GLY A 463 -4.63 -7.27 -4.29
N THR A 464 -4.67 -7.82 -5.50
CA THR A 464 -4.16 -7.17 -6.69
C THR A 464 -5.27 -6.30 -7.31
N GLY A 465 -4.93 -5.65 -8.41
CA GLY A 465 -5.86 -4.75 -9.07
C GLY A 465 -6.80 -5.42 -10.06
N LYS A 466 -7.84 -6.08 -9.56
CA LYS A 466 -8.87 -6.68 -10.40
C LYS A 466 -8.29 -7.69 -11.39
N ARG A 467 -7.33 -8.47 -10.95
CA ARG A 467 -6.89 -9.62 -11.72
C ARG A 467 -8.04 -10.61 -11.92
N VAL A 468 -8.19 -11.11 -13.15
CA VAL A 468 -9.31 -11.97 -13.52
C VAL A 468 -8.81 -13.41 -13.53
N LEU A 469 -9.67 -14.37 -13.88
CA LEU A 469 -9.47 -15.71 -13.39
C LEU A 469 -9.09 -16.69 -14.48
N THR A 470 -8.04 -17.45 -14.22
CA THR A 470 -7.70 -18.62 -15.02
C THR A 470 -8.88 -19.56 -15.17
N ALA A 471 -8.89 -20.32 -16.29
CA ALA A 471 -9.90 -21.36 -16.55
C ALA A 471 -9.95 -22.35 -15.40
N LYS A 472 -8.79 -22.86 -14.98
CA LYS A 472 -8.76 -23.70 -13.79
C LYS A 472 -9.19 -22.93 -12.54
N GLU A 473 -8.72 -21.68 -12.37
CA GLU A 473 -9.26 -20.91 -11.24
C GLU A 473 -10.80 -20.87 -11.33
N LYS A 474 -11.39 -20.72 -12.54
CA LYS A 474 -12.85 -20.50 -12.64
C LYS A 474 -13.64 -21.75 -12.24
N LYS A 475 -13.18 -22.92 -12.65
CA LYS A 475 -13.78 -24.17 -12.21
C LYS A 475 -13.59 -24.40 -10.74
N THR A 476 -12.38 -24.21 -10.26
CA THR A 476 -12.17 -24.25 -8.83
C THR A 476 -13.04 -23.22 -8.16
N GLN A 477 -13.45 -22.17 -8.87
CA GLN A 477 -14.28 -21.15 -8.24
C GLN A 477 -15.76 -21.51 -8.29
N LEU A 478 -16.17 -22.37 -9.23
CA LEU A 478 -17.57 -22.77 -9.29
C LEU A 478 -17.85 -24.07 -8.53
N ASP A 479 -16.80 -24.87 -8.27
CA ASP A 479 -16.97 -26.14 -7.60
C ASP A 479 -17.08 -25.95 -6.09
N ASP A 480 -16.04 -25.42 -5.45
CA ASP A 480 -16.11 -24.84 -4.10
C ASP A 480 -17.46 -24.22 -3.76
N ARG A 481 -18.01 -23.40 -4.68
CA ARG A 481 -19.20 -22.62 -4.36
C ARG A 481 -20.44 -23.49 -4.18
N THR A 482 -20.64 -24.45 -5.08
CA THR A 482 -21.76 -25.37 -4.95
C THR A 482 -21.54 -26.17 -3.68
N LYS A 483 -20.35 -26.69 -3.50
CA LYS A 483 -20.07 -27.55 -2.34
C LYS A 483 -20.37 -26.82 -1.04
N ILE A 484 -20.06 -25.52 -0.97
CA ILE A 484 -20.41 -24.72 0.19
C ILE A 484 -21.93 -24.65 0.34
N THR A 485 -22.58 -24.37 -0.76
CA THR A 485 -24.04 -24.23 -0.78
C THR A 485 -24.68 -25.50 -0.22
N GLU A 486 -24.30 -26.64 -0.75
CA GLU A 486 -24.89 -27.95 -0.43
C GLU A 486 -24.59 -28.34 1.01
N LEU A 487 -23.38 -28.16 1.47
CA LEU A 487 -23.00 -28.54 2.83
C LEU A 487 -23.76 -27.73 3.86
N PHE A 488 -23.78 -26.40 3.70
CA PHE A 488 -24.26 -25.50 4.73
C PHE A 488 -25.72 -25.14 4.58
N ALA A 489 -26.34 -25.44 3.44
CA ALA A 489 -27.80 -25.43 3.39
C ALA A 489 -28.36 -26.26 4.53
N VAL A 490 -27.76 -27.43 4.76
CA VAL A 490 -28.22 -28.36 5.78
C VAL A 490 -27.68 -27.97 7.15
N ALA A 491 -26.41 -27.58 7.22
CA ALA A 491 -25.80 -27.38 8.52
C ALA A 491 -26.08 -26.00 9.09
N LEU A 492 -26.28 -25.00 8.24
CA LEU A 492 -26.46 -23.63 8.73
C LEU A 492 -27.58 -23.53 9.75
N PRO A 493 -28.76 -24.13 9.53
CA PRO A 493 -29.85 -23.96 10.52
C PRO A 493 -29.55 -24.66 11.84
N GLN A 494 -28.82 -25.77 11.83
CA GLN A 494 -28.41 -26.39 13.09
C GLN A 494 -27.51 -25.44 13.87
N LEU A 495 -26.40 -25.03 13.26
CA LEU A 495 -25.46 -24.12 13.94
C LEU A 495 -26.18 -22.89 14.50
N LEU A 496 -27.06 -22.27 13.70
CA LEU A 496 -27.74 -21.09 14.21
C LEU A 496 -28.54 -21.42 15.46
N ALA A 497 -29.22 -22.57 15.46
CA ALA A 497 -30.01 -22.94 16.63
C ALA A 497 -29.11 -23.08 17.86
N LYS A 498 -27.97 -23.75 17.70
CA LYS A 498 -27.12 -24.02 18.85
C LYS A 498 -26.54 -22.74 19.44
N TYR A 499 -26.24 -21.74 18.60
CA TYR A 499 -25.61 -20.52 19.07
C TYR A 499 -26.50 -19.31 18.89
N SER A 500 -27.82 -19.50 18.81
CA SER A 500 -28.74 -18.40 18.55
C SER A 500 -28.55 -17.22 19.51
N VAL A 501 -27.99 -17.48 20.68
CA VAL A 501 -27.97 -16.48 21.75
C VAL A 501 -26.70 -15.62 21.74
N ASP A 502 -25.56 -16.16 21.29
CA ASP A 502 -24.33 -15.39 21.17
C ASP A 502 -24.45 -14.44 19.98
N ALA A 503 -24.35 -13.13 20.23
CA ALA A 503 -24.43 -12.17 19.13
C ALA A 503 -23.19 -12.21 18.24
N GLU A 504 -22.02 -12.50 18.82
CA GLU A 504 -20.80 -12.55 18.03
C GLU A 504 -20.89 -13.63 16.96
N LYS A 505 -21.42 -14.81 17.31
CA LYS A 505 -21.38 -15.95 16.40
C LYS A 505 -22.57 -15.97 15.44
N VAL A 506 -23.71 -15.41 15.82
CA VAL A 506 -24.81 -15.31 14.87
C VAL A 506 -24.42 -14.40 13.70
N THR A 507 -23.85 -13.21 14.01
CA THR A 507 -23.60 -12.25 12.94
C THR A 507 -22.65 -12.82 11.91
N ASN A 508 -21.71 -13.65 12.35
CA ASN A 508 -20.86 -14.37 11.42
C ASN A 508 -21.66 -15.39 10.62
N LEU A 509 -22.32 -16.30 11.34
CA LEU A 509 -23.07 -17.36 10.67
C LEU A 509 -24.02 -16.78 9.61
N LEU A 510 -24.65 -15.65 9.92
CA LEU A 510 -25.68 -15.12 9.01
C LEU A 510 -25.11 -14.62 7.68
N GLN A 511 -23.80 -14.62 7.48
CA GLN A 511 -23.22 -14.12 6.24
C GLN A 511 -22.93 -15.22 5.23
N LEU A 512 -23.23 -16.48 5.55
CA LEU A 512 -22.91 -17.56 4.60
C LEU A 512 -23.81 -17.50 3.38
N PRO A 513 -25.13 -17.42 3.48
CA PRO A 513 -25.97 -17.48 2.28
C PRO A 513 -25.61 -16.45 1.21
N GLN A 514 -24.99 -15.33 1.57
CA GLN A 514 -24.58 -14.37 0.54
C GLN A 514 -23.49 -14.92 -0.35
N TYR A 515 -23.01 -16.14 -0.08
CA TYR A 515 -22.06 -16.84 -0.94
C TYR A 515 -22.63 -18.10 -1.57
N PHE A 516 -23.86 -18.48 -1.22
CA PHE A 516 -24.45 -19.69 -1.78
C PHE A 516 -24.87 -19.45 -3.23
N ASP A 517 -25.03 -20.55 -3.97
CA ASP A 517 -25.68 -20.58 -5.32
C ASP A 517 -27.14 -20.98 -5.03
N LEU A 518 -28.10 -20.10 -5.21
CA LEU A 518 -29.49 -20.35 -4.77
C LEU A 518 -30.30 -21.26 -5.70
N GLU A 519 -29.85 -21.51 -6.90
CA GLU A 519 -30.55 -22.45 -7.81
C GLU A 519 -30.48 -23.83 -7.15
N ILE A 520 -29.36 -24.20 -6.53
CA ILE A 520 -29.12 -25.50 -5.85
C ILE A 520 -30.15 -25.72 -4.74
N TYR A 521 -30.62 -24.69 -4.07
CA TYR A 521 -31.62 -24.86 -3.01
C TYR A 521 -32.82 -25.58 -3.62
N THR A 522 -33.32 -25.09 -4.75
CA THR A 522 -34.52 -25.64 -5.40
C THR A 522 -34.26 -26.99 -6.05
N THR A 523 -33.21 -27.07 -6.85
CA THR A 523 -32.85 -28.22 -7.70
C THR A 523 -32.30 -29.38 -6.90
N GLY A 524 -31.93 -29.22 -5.65
CA GLY A 524 -31.37 -30.37 -4.95
C GLY A 524 -32.14 -30.73 -3.70
N ARG A 525 -33.46 -30.90 -3.76
CA ARG A 525 -34.34 -31.29 -2.65
C ARG A 525 -34.05 -30.46 -1.40
N LEU A 526 -33.85 -29.15 -1.46
CA LEU A 526 -33.46 -28.50 -0.17
C LEU A 526 -34.54 -27.64 0.42
N GLU A 527 -35.67 -27.45 -0.20
CA GLU A 527 -36.72 -26.54 0.25
C GLU A 527 -36.99 -26.68 1.75
N LYS A 528 -36.90 -27.88 2.31
CA LYS A 528 -37.16 -28.06 3.74
C LYS A 528 -36.17 -27.26 4.56
N HIS A 529 -34.89 -27.31 4.22
CA HIS A 529 -33.84 -26.71 5.03
C HIS A 529 -33.91 -25.19 4.98
N LEU A 530 -34.16 -24.66 3.80
CA LEU A 530 -34.33 -23.22 3.64
C LEU A 530 -35.43 -22.74 4.57
N ASP A 531 -36.52 -23.47 4.62
CA ASP A 531 -37.62 -23.09 5.53
C ASP A 531 -37.09 -23.25 6.94
N ALA A 532 -36.35 -24.30 7.20
CA ALA A 532 -35.94 -24.54 8.59
C ALA A 532 -35.06 -23.42 9.10
N LEU A 533 -34.25 -22.84 8.22
CA LEU A 533 -33.39 -21.73 8.58
C LEU A 533 -34.17 -20.41 8.63
N LEU A 534 -34.89 -20.08 7.56
CA LEU A 534 -35.66 -18.84 7.50
C LEU A 534 -36.47 -18.65 8.77
N ARG A 535 -36.95 -19.77 9.32
CA ARG A 535 -37.55 -19.75 10.63
C ARG A 535 -36.51 -19.36 11.68
N GLN A 536 -35.39 -20.07 11.72
CA GLN A 536 -34.34 -19.73 12.68
C GLN A 536 -33.80 -18.32 12.48
N ILE A 537 -34.01 -17.69 11.32
CA ILE A 537 -33.61 -16.30 11.15
C ILE A 537 -34.66 -15.38 11.75
N ARG A 538 -35.94 -15.66 11.52
CA ARG A 538 -37.00 -14.89 12.16
C ARG A 538 -37.01 -15.09 13.67
N ASN A 539 -36.43 -16.19 14.15
CA ASN A 539 -36.24 -16.36 15.59
C ASN A 539 -35.18 -15.39 16.11
N ILE A 540 -34.05 -15.28 15.42
CA ILE A 540 -32.97 -14.46 15.96
C ILE A 540 -33.35 -12.97 15.93
N VAL A 541 -34.04 -12.52 14.88
CA VAL A 541 -34.44 -11.12 14.85
C VAL A 541 -35.35 -10.82 16.04
N GLU A 542 -36.21 -11.77 16.39
CA GLU A 542 -37.14 -11.57 17.49
C GLU A 542 -36.40 -11.53 18.83
N LYS A 543 -35.30 -12.27 18.94
CA LYS A 543 -34.63 -12.51 20.22
C LYS A 543 -33.34 -11.69 20.37
N HIS A 544 -33.11 -10.71 19.50
CA HIS A 544 -31.86 -9.96 19.55
C HIS A 544 -32.13 -8.49 19.28
N THR A 545 -31.24 -7.63 19.80
CA THR A 545 -31.30 -6.21 19.55
C THR A 545 -29.96 -5.62 19.14
N ASP A 546 -28.98 -6.45 18.85
CA ASP A 546 -27.64 -5.97 18.53
C ASP A 546 -27.64 -5.40 17.11
N THR A 547 -26.91 -4.31 16.91
CA THR A 547 -26.98 -3.64 15.62
C THR A 547 -26.40 -4.50 14.50
N ASP A 548 -25.32 -5.25 14.77
CA ASP A 548 -24.76 -6.08 13.72
C ASP A 548 -25.64 -7.28 13.44
N VAL A 549 -26.16 -7.92 14.49
CA VAL A 549 -27.08 -9.05 14.32
C VAL A 549 -28.19 -8.68 13.36
N LEU A 550 -28.76 -7.48 13.49
CA LEU A 550 -29.93 -7.15 12.69
C LEU A 550 -29.58 -6.80 11.25
N GLU A 551 -28.41 -6.18 11.01
CA GLU A 551 -28.01 -5.91 9.63
C GLU A 551 -27.70 -7.20 8.89
N ALA A 552 -27.16 -8.19 9.59
CA ALA A 552 -26.95 -9.49 8.97
C ALA A 552 -28.28 -10.13 8.59
N CYS A 553 -29.28 -10.04 9.46
CA CYS A 553 -30.61 -10.56 9.14
C CYS A 553 -31.17 -9.90 7.89
N SER A 554 -31.00 -8.59 7.75
CA SER A 554 -31.59 -7.89 6.62
C SER A 554 -30.82 -8.14 5.34
N LYS A 555 -29.48 -8.20 5.43
CA LYS A 555 -28.69 -8.40 4.22
C LYS A 555 -28.93 -9.79 3.64
N THR A 556 -29.08 -10.79 4.50
CA THR A 556 -29.31 -12.14 4.00
C THR A 556 -30.69 -12.27 3.37
N TYR A 557 -31.71 -11.76 4.04
CA TYR A 557 -33.05 -11.76 3.45
C TYR A 557 -33.05 -11.07 2.10
N HIS A 558 -32.23 -10.03 1.95
CA HIS A 558 -32.07 -9.42 0.65
C HIS A 558 -31.43 -10.36 -0.35
N ALA A 559 -30.36 -11.05 0.06
CA ALA A 559 -29.65 -11.95 -0.84
C ALA A 559 -30.49 -13.17 -1.19
N LEU A 560 -31.49 -13.50 -0.37
CA LEU A 560 -32.39 -14.61 -0.65
C LEU A 560 -33.60 -14.19 -1.46
N CYS A 561 -33.86 -12.89 -1.57
CA CYS A 561 -35.01 -12.38 -2.34
C CYS A 561 -34.56 -11.83 -3.68
N ASN A 562 -33.82 -12.67 -4.42
CA ASN A 562 -33.31 -12.33 -5.75
C ASN A 562 -34.30 -12.79 -6.80
N GLU A 563 -34.75 -11.86 -7.66
CA GLU A 563 -35.75 -12.18 -8.68
C GLU A 563 -35.18 -13.05 -9.80
N GLU A 564 -33.86 -13.23 -9.85
CA GLU A 564 -33.26 -14.12 -10.84
C GLU A 564 -33.47 -15.60 -10.53
N PHE A 565 -33.96 -15.94 -9.34
CA PHE A 565 -33.99 -17.31 -8.89
C PHE A 565 -35.40 -17.63 -8.39
N THR A 566 -35.71 -18.92 -8.34
CA THR A 566 -37.07 -19.43 -8.06
C THR A 566 -37.41 -19.61 -6.57
N ILE A 567 -36.66 -19.06 -5.62
CA ILE A 567 -37.11 -19.13 -4.20
C ILE A 567 -37.74 -17.81 -3.79
N PHE A 568 -37.85 -16.85 -4.70
CA PHE A 568 -38.29 -15.49 -4.35
C PHE A 568 -39.62 -15.56 -3.67
N ASN A 569 -40.56 -16.30 -4.23
CA ASN A 569 -41.92 -16.35 -3.65
C ASN A 569 -41.84 -17.01 -2.28
N ARG A 570 -41.09 -18.08 -2.14
CA ARG A 570 -41.07 -18.81 -0.86
C ARG A 570 -40.52 -17.91 0.24
N VAL A 571 -39.42 -17.23 -0.06
CA VAL A 571 -38.76 -16.35 0.94
C VAL A 571 -39.56 -15.07 1.14
N ASP A 572 -40.16 -14.56 0.07
CA ASP A 572 -40.91 -13.29 0.14
C ASP A 572 -42.07 -13.50 1.10
N ILE A 573 -42.73 -14.63 1.05
CA ILE A 573 -43.90 -14.88 1.92
C ILE A 573 -43.40 -14.78 3.36
N SER A 574 -42.32 -15.44 3.69
CA SER A 574 -41.79 -15.43 5.07
C SER A 574 -41.39 -14.00 5.40
N ARG A 575 -40.79 -13.29 4.46
CA ARG A 575 -40.39 -11.92 4.75
C ARG A 575 -41.60 -11.03 4.98
N SER A 576 -42.69 -11.25 4.25
CA SER A 576 -43.89 -10.43 4.43
C SER A 576 -44.54 -10.71 5.78
N GLN A 577 -44.41 -11.96 6.27
CA GLN A 577 -44.98 -12.32 7.58
C GLN A 577 -44.14 -11.72 8.70
N LEU A 578 -42.83 -11.62 8.49
CA LEU A 578 -41.95 -11.05 9.51
C LEU A 578 -42.26 -9.58 9.74
N ILE A 579 -42.50 -8.82 8.67
CA ILE A 579 -42.70 -7.38 8.79
C ILE A 579 -44.16 -7.04 9.11
N ASP A 580 -45.10 -7.93 8.76
CA ASP A 580 -46.47 -7.78 9.25
C ASP A 580 -46.50 -7.85 10.78
N GLU A 581 -45.69 -8.73 11.36
CA GLU A 581 -45.63 -8.85 12.82
C GLU A 581 -44.97 -7.64 13.45
N LEU A 582 -43.75 -7.29 13.01
CA LEU A 582 -43.03 -6.20 13.63
C LEU A 582 -43.72 -4.86 13.43
N ALA A 583 -44.30 -4.64 12.24
CA ALA A 583 -44.94 -3.36 11.96
C ALA A 583 -46.19 -3.16 12.81
N ASP A 584 -47.02 -4.19 12.94
CA ASP A 584 -48.23 -4.09 13.76
C ASP A 584 -47.88 -3.95 15.24
N LYS A 585 -46.84 -4.65 15.69
CA LYS A 585 -46.37 -4.48 17.07
C LYS A 585 -45.90 -3.04 17.30
N PHE A 586 -44.97 -2.56 16.47
CA PHE A 586 -44.49 -1.18 16.56
C PHE A 586 -45.63 -0.19 16.72
N ASN A 587 -46.68 -0.32 15.89
CA ASN A 587 -47.86 0.51 16.05
C ASN A 587 -48.42 0.41 17.45
N ARG A 588 -48.52 -0.81 17.99
CA ARG A 588 -49.11 -1.00 19.31
C ARG A 588 -48.24 -0.37 20.39
N LEU A 589 -46.92 -0.38 20.20
CA LEU A 589 -46.01 0.21 21.18
C LEU A 589 -46.07 1.73 21.14
N LEU A 590 -46.25 2.31 19.94
CA LEU A 590 -46.35 3.77 19.84
C LEU A 590 -47.70 4.25 20.33
N GLU A 591 -48.75 3.43 20.15
CA GLU A 591 -50.07 3.74 20.68
C GLU A 591 -50.03 3.92 22.20
N ASP A 592 -49.17 3.17 22.90
CA ASP A 592 -49.06 3.27 24.35
C ASP A 592 -47.98 4.25 24.77
N PHE A 593 -46.81 4.17 24.14
CA PHE A 593 -45.65 4.94 24.53
C PHE A 593 -45.86 6.44 24.41
N LEU A 594 -46.80 6.88 23.58
CA LEU A 594 -46.98 8.30 23.30
C LEU A 594 -48.33 8.83 23.74
N GLN A 595 -49.08 8.08 24.55
CA GLN A 595 -50.24 8.64 25.22
C GLN A 595 -49.78 9.76 26.14
N GLU A 596 -50.61 10.80 26.25
CA GLU A 596 -50.20 12.05 26.88
C GLU A 596 -49.92 11.91 28.37
N GLY A 597 -50.64 11.03 29.05
CA GLY A 597 -50.40 10.80 30.46
C GLY A 597 -49.71 9.49 30.77
N GLU A 598 -49.32 8.70 29.78
CA GLU A 598 -48.69 7.42 30.06
C GLU A 598 -47.17 7.61 30.11
N GLU A 599 -46.74 8.33 31.13
CA GLU A 599 -45.34 8.70 31.28
C GLU A 599 -44.44 7.49 31.14
N PRO A 600 -43.80 7.29 30.00
CA PRO A 600 -43.03 6.06 29.78
C PRO A 600 -41.70 6.05 30.52
N ASP A 601 -41.36 4.88 31.04
CA ASP A 601 -40.15 4.68 31.83
C ASP A 601 -39.01 4.22 30.92
N GLU A 602 -37.89 3.81 31.52
CA GLU A 602 -36.75 3.36 30.73
C GLU A 602 -36.95 1.95 30.18
N ASP A 603 -37.74 1.12 30.88
CA ASP A 603 -37.99 -0.24 30.39
C ASP A 603 -38.95 -0.21 29.21
N ASP A 604 -39.96 0.66 29.24
CA ASP A 604 -40.78 0.89 28.06
C ASP A 604 -39.98 1.49 26.93
N ALA A 605 -38.88 2.17 27.24
CA ALA A 605 -38.00 2.72 26.24
C ALA A 605 -37.17 1.66 25.55
N TYR A 606 -36.80 0.58 26.24
CA TYR A 606 -36.06 -0.48 25.57
C TYR A 606 -36.95 -1.28 24.65
N GLN A 607 -38.25 -1.39 24.99
CA GLN A 607 -39.18 -2.13 24.17
C GLN A 607 -39.38 -1.44 22.83
N VAL A 608 -39.62 -0.13 22.87
CA VAL A 608 -39.73 0.64 21.64
C VAL A 608 -38.44 0.53 20.83
N LEU A 609 -37.30 0.72 21.48
CA LEU A 609 -36.02 0.71 20.79
C LEU A 609 -35.78 -0.62 20.10
N SER A 610 -36.25 -1.73 20.70
CA SER A 610 -35.96 -3.05 20.15
C SER A 610 -36.70 -3.29 18.84
N THR A 611 -37.99 -2.95 18.78
CA THR A 611 -38.71 -3.14 17.52
C THR A 611 -38.25 -2.12 16.49
N LEU A 612 -38.04 -0.89 16.92
CA LEU A 612 -37.61 0.18 16.00
C LEU A 612 -36.32 -0.23 15.35
N LYS A 613 -35.38 -0.70 16.13
CA LYS A 613 -34.09 -1.11 15.58
C LYS A 613 -34.24 -2.27 14.60
N ARG A 614 -35.13 -3.21 14.92
CA ARG A 614 -35.39 -4.32 14.01
C ARG A 614 -36.05 -3.84 12.73
N ILE A 615 -36.88 -2.84 12.85
CA ILE A 615 -37.57 -2.30 11.65
C ILE A 615 -36.54 -1.55 10.83
N THR A 616 -35.73 -0.77 11.51
CA THR A 616 -34.74 0.09 10.88
C THR A 616 -33.83 -0.77 10.06
N ALA A 617 -33.29 -1.82 10.65
CA ALA A 617 -32.37 -2.70 9.93
C ALA A 617 -33.00 -3.27 8.68
N PHE A 618 -34.30 -3.53 8.70
CA PHE A 618 -34.98 -4.15 7.56
C PHE A 618 -35.47 -3.14 6.54
N HIS A 619 -35.71 -1.93 7.00
CA HIS A 619 -36.25 -0.87 6.13
C HIS A 619 -35.14 -0.30 5.25
N ASN A 620 -33.89 -0.57 5.56
CA ASN A 620 -32.77 -0.16 4.73
C ASN A 620 -32.72 -0.97 3.44
N ALA A 621 -32.66 -2.29 3.56
CA ALA A 621 -32.43 -3.17 2.42
C ALA A 621 -33.70 -3.72 1.80
N HIS A 622 -34.88 -3.28 2.24
CA HIS A 622 -36.13 -3.85 1.76
C HIS A 622 -37.19 -2.79 1.58
N ASP A 623 -37.89 -2.82 0.44
CA ASP A 623 -38.89 -1.81 0.09
C ASP A 623 -40.12 -2.06 0.95
N LEU A 624 -40.28 -1.26 2.01
CA LEU A 624 -41.34 -1.45 3.00
C LEU A 624 -42.40 -0.36 2.93
N SER A 625 -42.67 0.17 1.71
CA SER A 625 -43.67 1.22 1.59
C SER A 625 -45.06 0.67 1.79
N LYS A 626 -45.27 -0.61 1.55
CA LYS A 626 -46.60 -1.22 1.71
C LYS A 626 -47.13 -1.05 3.13
N TRP A 627 -46.24 -0.86 4.11
CA TRP A 627 -46.62 -0.70 5.51
C TRP A 627 -46.71 0.75 5.97
N ASP A 628 -46.32 1.71 5.13
CA ASP A 628 -46.55 3.14 5.36
C ASP A 628 -46.14 3.54 6.78
N LEU A 629 -44.84 3.49 7.04
CA LEU A 629 -44.25 3.72 8.38
C LEU A 629 -43.78 5.15 8.56
N PHE A 630 -44.01 6.04 7.64
CA PHE A 630 -43.58 7.42 7.85
C PHE A 630 -44.21 7.97 9.12
N ALA A 631 -45.50 7.69 9.32
CA ALA A 631 -46.24 8.30 10.42
C ALA A 631 -45.57 8.05 11.78
N CYS A 632 -45.30 6.77 12.11
CA CYS A 632 -44.80 6.42 13.44
C CYS A 632 -43.49 7.13 13.74
N ASN A 633 -42.59 7.10 12.77
CA ASN A 633 -41.27 7.73 12.93
C ASN A 633 -41.48 9.21 13.11
N TYR A 634 -42.23 9.82 12.21
CA TYR A 634 -42.56 11.22 12.32
C TYR A 634 -43.11 11.53 13.71
N LYS A 635 -44.08 10.75 14.17
CA LYS A 635 -44.72 11.03 15.45
C LYS A 635 -43.72 11.09 16.59
N LEU A 636 -42.72 10.22 16.57
CA LEU A 636 -41.79 10.19 17.69
C LEU A 636 -40.73 11.27 17.57
N LEU A 637 -40.22 11.51 16.36
CA LEU A 637 -39.25 12.58 16.17
C LEU A 637 -39.84 13.91 16.63
N LYS A 638 -41.12 14.14 16.36
CA LYS A 638 -41.76 15.37 16.77
C LYS A 638 -42.02 15.43 18.28
N THR A 639 -41.96 14.28 18.98
CA THR A 639 -42.16 14.25 20.42
C THR A 639 -40.86 14.45 21.18
N GLY A 640 -39.74 14.01 20.61
CA GLY A 640 -38.45 14.31 21.20
C GLY A 640 -38.08 15.77 21.08
N ILE A 641 -38.50 16.42 19.99
CA ILE A 641 -38.20 17.83 19.81
C ILE A 641 -39.01 18.69 20.78
N GLU A 642 -40.29 18.35 20.98
CA GLU A 642 -41.18 19.19 21.78
C GLU A 642 -40.84 19.10 23.26
N ASN A 643 -40.63 17.88 23.77
CA ASN A 643 -40.30 17.69 25.18
C ASN A 643 -38.81 17.56 25.43
N GLY A 644 -38.01 17.34 24.41
CA GLY A 644 -36.59 17.17 24.61
C GLY A 644 -36.19 15.96 25.41
N ASP A 645 -37.15 15.19 25.94
CA ASP A 645 -36.86 13.94 26.63
C ASP A 645 -37.07 12.79 25.65
N MET A 646 -35.98 12.17 25.20
CA MET A 646 -36.11 11.11 24.21
C MET A 646 -34.76 10.39 24.06
N PRO A 647 -34.70 9.10 24.40
CA PRO A 647 -33.39 8.41 24.42
C PRO A 647 -32.70 8.49 23.07
N GLU A 648 -31.44 8.90 23.09
CA GLU A 648 -30.66 9.04 21.86
C GLU A 648 -31.00 7.94 20.85
N GLN A 649 -31.08 6.69 21.32
CA GLN A 649 -31.11 5.56 20.40
C GLN A 649 -32.43 5.47 19.66
N ILE A 650 -33.52 5.87 20.33
CA ILE A 650 -34.81 6.00 19.63
C ILE A 650 -34.72 7.09 18.58
N VAL A 651 -34.05 8.20 18.91
CA VAL A 651 -33.92 9.31 17.95
C VAL A 651 -33.10 8.86 16.75
N ILE A 652 -31.89 8.37 17.00
CA ILE A 652 -30.97 8.00 15.92
C ILE A 652 -31.66 7.08 14.93
N HIS A 653 -32.26 6.05 15.48
CA HIS A 653 -32.90 4.97 14.70
C HIS A 653 -34.12 5.52 14.00
N ALA A 654 -34.90 6.39 14.62
CA ALA A 654 -36.06 6.97 13.95
C ALA A 654 -35.58 7.78 12.76
N LEU A 655 -34.50 8.54 12.90
CA LEU A 655 -33.98 9.36 11.80
C LEU A 655 -33.63 8.41 10.66
N GLN A 656 -32.95 7.33 10.97
CA GLN A 656 -32.56 6.35 9.96
C GLN A 656 -33.81 5.82 9.30
N CYS A 657 -34.80 5.44 10.08
CA CYS A 657 -35.98 4.79 9.49
C CYS A 657 -36.70 5.74 8.56
N THR A 658 -36.81 7.00 8.94
CA THR A 658 -37.50 8.01 8.16
C THR A 658 -36.79 8.15 6.83
N HIS A 659 -35.48 8.21 6.88
CA HIS A 659 -34.61 8.39 5.70
C HIS A 659 -34.86 7.25 4.72
N TYR A 660 -34.94 6.03 5.22
CA TYR A 660 -35.18 4.84 4.39
C TYR A 660 -36.57 4.98 3.77
N VAL A 661 -37.53 5.45 4.53
CA VAL A 661 -38.87 5.64 3.97
C VAL A 661 -38.84 6.61 2.80
N ILE A 662 -37.98 7.63 2.74
CA ILE A 662 -38.15 8.54 1.62
C ILE A 662 -37.42 8.05 0.39
N LEU A 663 -36.23 7.47 0.59
CA LEU A 663 -35.50 6.84 -0.51
C LEU A 663 -36.36 5.78 -1.20
N TRP A 664 -37.02 4.93 -0.40
CA TRP A 664 -37.75 3.82 -0.99
C TRP A 664 -38.88 4.33 -1.87
N GLN A 665 -39.60 5.35 -1.41
CA GLN A 665 -40.65 5.96 -2.22
C GLN A 665 -40.05 6.50 -3.50
N LEU A 666 -38.94 7.25 -3.37
CA LEU A 666 -38.32 7.85 -4.56
C LEU A 666 -37.85 6.78 -5.52
N ALA A 667 -37.58 5.57 -5.03
CA ALA A 667 -37.25 4.47 -5.93
C ALA A 667 -38.45 4.08 -6.78
N LYS A 668 -39.64 4.05 -6.19
CA LYS A 668 -40.87 3.71 -6.92
C LYS A 668 -41.42 4.87 -7.74
N ILE A 669 -40.81 6.05 -7.64
CA ILE A 669 -41.09 7.16 -8.55
C ILE A 669 -40.11 7.00 -9.71
N THR A 670 -39.43 5.84 -9.76
CA THR A 670 -38.70 5.42 -10.95
C THR A 670 -39.52 5.71 -12.20
N GLU A 671 -40.75 5.20 -12.26
CA GLU A 671 -41.70 5.48 -13.32
C GLU A 671 -42.66 6.57 -12.85
N SER A 672 -43.64 6.88 -13.68
CA SER A 672 -44.92 7.40 -13.21
C SER A 672 -46.07 6.61 -13.86
N SER A 673 -45.78 5.45 -14.47
CA SER A 673 -46.71 4.31 -14.48
C SER A 673 -47.38 4.25 -13.10
N SER A 674 -46.60 4.63 -12.09
CA SER A 674 -47.02 4.63 -10.69
C SER A 674 -48.08 5.67 -10.43
N THR A 675 -47.71 6.95 -10.52
CA THR A 675 -48.52 8.03 -9.96
C THR A 675 -48.23 9.38 -10.59
N LYS A 676 -49.16 10.31 -10.37
CA LYS A 676 -48.96 11.73 -10.60
C LYS A 676 -49.32 12.57 -9.38
N GLU A 677 -50.00 11.98 -8.40
CA GLU A 677 -50.48 12.66 -7.21
C GLU A 677 -49.72 12.28 -5.95
N ASP A 678 -49.10 11.08 -5.90
CA ASP A 678 -48.38 10.68 -4.70
C ASP A 678 -47.17 11.56 -4.43
N LEU A 679 -46.63 12.18 -5.48
CA LEU A 679 -45.39 12.94 -5.35
C LEU A 679 -45.56 14.12 -4.40
N LEU A 680 -46.70 14.80 -4.46
CA LEU A 680 -46.94 15.93 -3.56
C LEU A 680 -46.73 15.52 -2.11
N ARG A 681 -47.11 14.27 -1.77
CA ARG A 681 -46.89 13.78 -0.41
C ARG A 681 -45.42 13.47 -0.18
N LEU A 682 -44.74 12.90 -1.18
CA LEU A 682 -43.34 12.54 -1.03
C LEU A 682 -42.47 13.78 -0.84
N LYS A 683 -42.74 14.85 -1.60
CA LYS A 683 -41.97 16.08 -1.45
C LYS A 683 -42.17 16.71 -0.08
N LYS A 684 -43.40 16.64 0.45
CA LYS A 684 -43.70 17.24 1.75
C LYS A 684 -42.97 16.51 2.88
N GLN A 685 -42.78 15.20 2.74
CA GLN A 685 -42.15 14.41 3.79
C GLN A 685 -40.64 14.64 3.80
N MET A 686 -40.04 14.78 2.62
CA MET A 686 -38.65 15.20 2.56
C MET A 686 -38.50 16.60 3.14
N ARG A 687 -39.48 17.47 2.89
CA ARG A 687 -39.40 18.85 3.36
C ARG A 687 -39.42 18.91 4.88
N VAL A 688 -40.34 18.18 5.51
CA VAL A 688 -40.44 18.22 6.96
C VAL A 688 -39.28 17.46 7.60
N PHE A 689 -38.88 16.32 7.01
CA PHE A 689 -37.76 15.55 7.54
C PHE A 689 -36.48 16.39 7.54
N CYS A 690 -36.34 17.30 6.57
CA CYS A 690 -35.18 18.17 6.53
C CYS A 690 -35.18 19.12 7.72
N GLN A 691 -36.33 19.69 8.04
CA GLN A 691 -36.43 20.59 9.18
C GLN A 691 -36.24 19.85 10.49
N ILE A 692 -36.71 18.60 10.56
CA ILE A 692 -36.52 17.80 11.76
C ILE A 692 -35.05 17.48 11.96
N CYS A 693 -34.37 17.05 10.90
CA CYS A 693 -32.94 16.79 11.02
C CYS A 693 -32.20 18.06 11.41
N GLN A 694 -32.64 19.21 10.90
CA GLN A 694 -31.91 20.46 11.13
C GLN A 694 -31.90 20.84 12.60
N HIS A 695 -32.96 20.50 13.34
CA HIS A 695 -33.03 20.80 14.76
C HIS A 695 -32.46 19.69 15.63
N TYR A 696 -32.40 18.46 15.13
CA TYR A 696 -31.59 17.45 15.81
C TYR A 696 -30.11 17.71 15.58
N LEU A 697 -29.75 18.61 14.67
CA LEU A 697 -28.35 18.91 14.41
C LEU A 697 -27.75 19.83 15.45
N THR A 698 -28.56 20.59 16.19
CA THR A 698 -28.08 21.43 17.28
C THR A 698 -28.26 20.77 18.64
N ASN A 699 -28.75 19.53 18.68
CA ASN A 699 -28.87 18.77 19.92
C ASN A 699 -27.57 18.75 20.71
N VAL A 700 -27.65 18.37 21.98
CA VAL A 700 -26.47 18.36 22.84
C VAL A 700 -25.67 17.07 22.69
N ASN A 701 -26.32 15.98 22.33
CA ASN A 701 -25.67 14.69 22.19
C ASN A 701 -24.88 14.63 20.89
N THR A 702 -23.64 14.15 20.97
CA THR A 702 -22.81 14.11 19.76
C THR A 702 -23.42 13.17 18.72
N THR A 703 -23.74 11.93 19.13
CA THR A 703 -24.15 10.92 18.15
C THR A 703 -25.44 11.32 17.44
N VAL A 704 -26.35 11.99 18.14
CA VAL A 704 -27.59 12.44 17.51
C VAL A 704 -27.30 13.49 16.45
N LYS A 705 -26.33 14.36 16.71
CA LYS A 705 -25.94 15.37 15.74
C LYS A 705 -25.34 14.71 14.51
N GLU A 706 -24.29 13.91 14.72
CA GLU A 706 -23.64 13.20 13.62
C GLU A 706 -24.65 12.45 12.78
N GLN A 707 -25.69 11.89 13.42
CA GLN A 707 -26.69 11.13 12.67
C GLN A 707 -27.56 12.05 11.82
N ALA A 708 -28.10 13.11 12.43
CA ALA A 708 -28.88 14.07 11.65
C ALA A 708 -28.02 14.65 10.53
N PHE A 709 -26.79 15.02 10.85
CA PHE A 709 -25.89 15.61 9.85
C PHE A 709 -25.66 14.65 8.70
N THR A 710 -25.29 13.41 9.02
CA THR A 710 -24.99 12.41 8.00
C THR A 710 -26.14 12.29 7.01
N ILE A 711 -27.35 12.06 7.52
CA ILE A 711 -28.49 11.85 6.62
C ILE A 711 -28.80 13.11 5.85
N LEU A 712 -28.60 14.27 6.47
CA LEU A 712 -28.85 15.53 5.78
C LEU A 712 -27.95 15.66 4.55
N CYS A 713 -26.66 15.44 4.73
CA CYS A 713 -25.75 15.49 3.59
C CYS A 713 -26.20 14.57 2.47
N ASP A 714 -26.62 13.35 2.82
CA ASP A 714 -27.11 12.42 1.81
C ASP A 714 -28.40 12.93 1.17
N ILE A 715 -29.36 13.34 2.00
CA ILE A 715 -30.63 13.86 1.51
C ILE A 715 -30.39 15.00 0.53
N LEU A 716 -29.57 15.98 0.94
CA LEU A 716 -29.37 17.18 0.14
C LEU A 716 -28.71 16.84 -1.19
N MET A 717 -27.82 15.84 -1.20
CA MET A 717 -27.21 15.40 -2.44
C MET A 717 -28.23 14.65 -3.30
N ILE A 718 -29.05 13.80 -2.68
CA ILE A 718 -30.03 13.01 -3.43
C ILE A 718 -31.07 13.93 -4.06
N PHE A 719 -31.57 14.91 -3.31
CA PHE A 719 -32.63 15.80 -3.76
C PHE A 719 -32.08 17.10 -4.32
N SER A 720 -30.88 17.06 -4.91
CA SER A 720 -30.28 18.23 -5.53
C SER A 720 -30.90 18.50 -6.89
N HIS A 721 -30.39 19.53 -7.57
CA HIS A 721 -30.71 19.73 -8.98
C HIS A 721 -30.22 18.55 -9.82
N GLN A 722 -29.17 17.87 -9.36
CA GLN A 722 -28.61 16.74 -10.08
C GLN A 722 -29.58 15.58 -10.23
N ILE A 723 -30.77 15.65 -9.65
CA ILE A 723 -31.67 14.50 -9.68
C ILE A 723 -32.36 14.43 -11.05
N MET A 724 -31.87 15.18 -12.03
CA MET A 724 -32.57 15.04 -13.32
C MET A 724 -31.84 15.52 -14.56
N SER A 725 -30.53 15.75 -14.57
CA SER A 725 -29.90 16.08 -15.84
C SER A 725 -29.79 14.86 -16.74
N GLY A 726 -29.68 13.67 -16.13
CA GLY A 726 -29.58 12.44 -16.87
C GLY A 726 -30.89 11.99 -17.49
N GLY A 727 -31.49 12.85 -18.32
CA GLY A 727 -32.80 12.51 -18.84
C GLY A 727 -33.81 12.13 -17.77
N ARG A 728 -33.70 12.72 -16.58
CA ARG A 728 -34.57 12.40 -15.47
C ARG A 728 -35.59 13.52 -15.22
N ASP A 729 -35.88 14.31 -16.27
CA ASP A 729 -36.52 15.60 -16.09
C ASP A 729 -37.88 15.54 -15.41
N MET A 730 -38.49 14.36 -15.25
CA MET A 730 -39.81 14.32 -14.65
C MET A 730 -39.81 14.87 -13.23
N LEU A 731 -38.70 14.72 -12.51
CA LEU A 731 -38.69 14.89 -11.06
C LEU A 731 -38.32 16.31 -10.64
N GLU A 732 -38.24 17.25 -11.58
CA GLU A 732 -37.88 18.62 -11.24
C GLU A 732 -38.69 19.17 -10.06
N PRO A 733 -40.00 18.90 -9.94
CA PRO A 733 -40.76 19.51 -8.84
C PRO A 733 -40.19 19.22 -7.45
N LEU A 734 -39.29 18.23 -7.34
CA LEU A 734 -38.60 17.94 -6.08
C LEU A 734 -37.43 18.93 -5.93
N VAL A 735 -37.81 20.17 -5.60
CA VAL A 735 -36.91 21.32 -5.63
C VAL A 735 -36.50 21.67 -4.21
N TYR A 736 -35.56 20.93 -3.63
CA TYR A 736 -35.01 21.33 -2.35
C TYR A 736 -33.55 21.71 -2.49
N THR A 737 -33.29 23.01 -2.41
CA THR A 737 -32.03 23.71 -2.24
C THR A 737 -31.86 24.08 -0.77
N PRO A 738 -30.68 23.88 -0.18
CA PRO A 738 -30.52 24.24 1.23
C PRO A 738 -30.65 25.74 1.47
N ASP A 739 -31.09 26.10 2.67
CA ASP A 739 -31.21 27.49 3.07
C ASP A 739 -29.86 28.05 3.53
N SER A 740 -29.76 29.38 3.56
CA SER A 740 -28.56 30.01 4.12
C SER A 740 -28.34 29.56 5.56
N SER A 741 -29.43 29.44 6.33
CA SER A 741 -29.33 29.02 7.72
C SER A 741 -28.66 27.66 7.84
N LEU A 742 -29.19 26.66 7.15
CA LEU A 742 -28.66 25.32 7.26
C LEU A 742 -27.28 25.20 6.63
N GLN A 743 -27.02 25.94 5.55
CA GLN A 743 -25.74 25.85 4.86
C GLN A 743 -24.59 26.08 5.83
N SER A 744 -24.76 27.02 6.77
CA SER A 744 -23.72 27.34 7.73
C SER A 744 -23.77 26.44 8.96
N GLU A 745 -24.97 26.09 9.43
CA GLU A 745 -25.06 25.14 10.54
C GLU A 745 -24.47 23.78 10.14
N LEU A 746 -24.58 23.41 8.87
CA LEU A 746 -23.86 22.23 8.38
C LEU A 746 -22.36 22.45 8.53
N LEU A 747 -21.87 23.61 8.10
CA LEU A 747 -20.44 23.91 8.27
C LEU A 747 -20.08 24.07 9.75
N SER A 748 -20.98 24.63 10.55
CA SER A 748 -20.73 24.69 11.99
C SER A 748 -20.41 23.30 12.54
N PHE A 749 -21.18 22.30 12.10
CA PHE A 749 -20.93 20.92 12.54
C PHE A 749 -19.51 20.48 12.18
N ILE A 750 -19.02 20.84 11.00
CA ILE A 750 -17.69 20.40 10.55
C ILE A 750 -16.60 21.01 11.41
N LEU A 751 -16.69 22.30 11.71
CA LEU A 751 -15.60 22.96 12.44
C LEU A 751 -15.54 22.51 13.88
N ASP A 752 -16.67 22.14 14.49
CA ASP A 752 -16.69 21.74 15.88
C ASP A 752 -16.38 20.26 16.07
N HIS A 753 -16.63 19.42 15.06
CA HIS A 753 -16.52 17.97 15.22
C HIS A 753 -15.59 17.27 14.25
N VAL A 754 -15.07 17.96 13.23
CA VAL A 754 -14.11 17.38 12.30
C VAL A 754 -12.72 17.97 12.50
N PHE A 755 -12.64 19.30 12.60
CA PHE A 755 -11.38 20.00 12.89
C PHE A 755 -11.35 20.24 14.39
N ILE A 756 -10.53 19.47 15.10
CA ILE A 756 -10.53 19.42 16.56
C ILE A 756 -9.11 19.65 17.08
N GLU A 757 -9.02 19.98 18.36
CA GLU A 757 -7.72 20.09 19.01
C GLU A 757 -6.93 18.81 18.84
N GLN A 758 -5.64 18.96 18.55
CA GLN A 758 -4.74 17.84 18.25
C GLN A 758 -3.65 17.79 19.31
N ASP A 759 -3.18 16.58 19.61
CA ASP A 759 -2.28 16.37 20.73
C ASP A 759 -0.83 16.56 20.32
N ASP A 760 -0.18 15.47 19.88
CA ASP A 760 1.24 15.46 19.51
C ASP A 760 2.08 16.24 20.53
N GLU A 770 -8.05 4.64 22.76
CA GLU A 770 -7.80 3.38 23.46
C GLU A 770 -6.74 2.64 22.62
N ASP A 771 -5.66 3.41 22.35
CA ASP A 771 -4.54 3.03 21.50
C ASP A 771 -4.99 2.93 20.05
N GLU A 772 -4.05 2.54 19.16
CA GLU A 772 -4.12 2.86 17.75
C GLU A 772 -5.48 2.54 17.16
N ALA A 773 -6.07 1.41 17.55
CA ALA A 773 -7.20 0.89 16.78
C ALA A 773 -8.38 1.84 16.84
N SER A 774 -8.71 2.36 18.03
CA SER A 774 -9.92 3.16 18.17
C SER A 774 -9.74 4.56 17.60
N LYS A 775 -8.55 5.15 17.71
CA LYS A 775 -8.37 6.50 17.19
C LYS A 775 -8.56 6.51 15.68
N ILE A 776 -8.02 5.52 14.98
CA ILE A 776 -8.14 5.45 13.53
C ILE A 776 -9.59 5.25 13.12
N GLU A 777 -10.34 4.44 13.88
CA GLU A 777 -11.77 4.36 13.70
C GLU A 777 -12.38 5.73 13.79
N ALA A 778 -11.98 6.52 14.78
CA ALA A 778 -12.54 7.85 14.95
C ALA A 778 -12.14 8.77 13.81
N LEU A 779 -10.89 8.65 13.35
CA LEU A 779 -10.45 9.46 12.22
C LEU A 779 -11.28 9.15 10.97
N HIS A 780 -11.49 7.85 10.69
CA HIS A 780 -12.27 7.46 9.53
C HIS A 780 -13.70 8.01 9.59
N LYS A 781 -14.32 8.01 10.77
CA LYS A 781 -15.65 8.59 10.85
C LYS A 781 -15.61 10.12 10.70
N ARG A 782 -14.56 10.78 11.20
CA ARG A 782 -14.44 12.20 10.97
C ARG A 782 -14.19 12.51 9.50
N ARG A 783 -13.41 11.66 8.82
CA ARG A 783 -13.23 11.78 7.39
C ARG A 783 -14.55 11.59 6.64
N ASN A 784 -15.30 10.55 7.01
CA ASN A 784 -16.60 10.35 6.41
C ASN A 784 -17.46 11.59 6.51
N LEU A 785 -17.48 12.23 7.68
CA LEU A 785 -18.32 13.42 7.87
C LEU A 785 -17.82 14.60 7.01
N LEU A 786 -16.51 14.83 7.00
CA LEU A 786 -15.96 15.91 6.18
C LEU A 786 -16.26 15.68 4.70
N ALA A 787 -16.07 14.45 4.22
CA ALA A 787 -16.41 14.15 2.84
C ALA A 787 -17.90 14.36 2.57
N ALA A 788 -18.76 14.04 3.54
CA ALA A 788 -20.19 14.25 3.35
C ALA A 788 -20.47 15.71 2.99
N PHE A 789 -19.75 16.64 3.61
CA PHE A 789 -20.00 18.06 3.39
C PHE A 789 -19.31 18.56 2.12
N CYS A 790 -18.05 18.16 1.91
CA CYS A 790 -17.33 18.56 0.69
C CYS A 790 -18.05 18.07 -0.55
N LYS A 791 -18.71 16.92 -0.48
CA LYS A 791 -19.56 16.49 -1.58
C LYS A 791 -20.61 17.55 -1.89
N LEU A 792 -21.13 18.22 -0.86
CA LEU A 792 -22.07 19.31 -1.08
C LEU A 792 -21.38 20.53 -1.68
N ILE A 793 -20.11 20.74 -1.34
CA ILE A 793 -19.35 21.83 -1.94
C ILE A 793 -19.10 21.56 -3.42
N VAL A 794 -18.44 20.43 -3.72
CA VAL A 794 -18.07 20.17 -5.09
C VAL A 794 -19.29 20.06 -5.99
N TYR A 795 -20.47 19.82 -5.43
CA TYR A 795 -21.67 19.61 -6.22
C TYR A 795 -22.69 20.73 -6.06
N THR A 796 -22.23 21.92 -5.70
CA THR A 796 -23.00 23.15 -5.77
C THR A 796 -24.23 23.15 -4.89
N VAL A 797 -24.36 22.20 -3.98
CA VAL A 797 -25.53 22.19 -3.09
C VAL A 797 -25.47 23.39 -2.15
N VAL A 798 -24.30 23.62 -1.55
CA VAL A 798 -24.06 24.78 -0.70
C VAL A 798 -23.10 25.72 -1.41
N GLU A 799 -23.24 27.03 -1.16
CA GLU A 799 -22.36 28.00 -1.78
C GLU A 799 -20.90 27.64 -1.54
N MET A 800 -20.08 27.84 -2.57
CA MET A 800 -18.67 27.48 -2.51
C MET A 800 -17.88 28.33 -1.53
N ASN A 801 -18.42 29.47 -1.10
CA ASN A 801 -17.74 30.29 -0.11
C ASN A 801 -17.48 29.54 1.19
N THR A 802 -18.26 28.50 1.48
CA THR A 802 -18.11 27.78 2.74
C THR A 802 -16.80 26.97 2.79
N ALA A 803 -16.25 26.59 1.63
CA ALA A 803 -14.99 25.85 1.63
C ALA A 803 -13.83 26.68 2.19
N ALA A 804 -14.00 27.99 2.35
CA ALA A 804 -12.93 28.83 2.89
C ALA A 804 -12.46 28.31 4.24
N ASP A 805 -13.41 28.04 5.15
CA ASP A 805 -13.09 27.54 6.48
C ASP A 805 -12.68 26.08 6.46
N ILE A 806 -12.62 25.45 5.30
CA ILE A 806 -12.08 24.11 5.15
C ILE A 806 -10.72 24.14 4.47
N PHE A 807 -10.55 25.00 3.46
CA PHE A 807 -9.27 25.06 2.76
C PHE A 807 -8.15 25.50 3.70
N LYS A 808 -8.48 26.40 4.64
CA LYS A 808 -7.46 26.96 5.53
C LYS A 808 -6.79 25.90 6.39
N GLN A 809 -7.41 24.73 6.52
CA GLN A 809 -6.92 23.67 7.39
C GLN A 809 -6.05 22.67 6.64
N TYR A 810 -5.68 22.98 5.43
CA TYR A 810 -4.89 22.07 4.56
C TYR A 810 -3.55 21.70 5.17
N MET A 811 -2.83 22.60 5.79
CA MET A 811 -1.52 22.22 6.32
C MET A 811 -1.68 21.76 7.75
N LYS A 812 -2.57 22.36 8.50
CA LYS A 812 -2.74 21.99 9.90
C LYS A 812 -3.19 20.54 10.04
N TYR A 813 -4.09 20.10 9.16
CA TYR A 813 -4.67 18.76 9.22
C TYR A 813 -4.25 17.91 8.03
N TYR A 814 -2.98 17.98 7.61
CA TYR A 814 -2.61 17.38 6.33
C TYR A 814 -2.80 15.87 6.34
N ASN A 815 -2.21 15.18 7.31
CA ASN A 815 -2.27 13.72 7.30
C ASN A 815 -3.68 13.22 7.52
N ASP A 816 -4.41 13.84 8.44
CA ASP A 816 -5.76 13.38 8.76
C ASP A 816 -6.70 13.59 7.58
N TYR A 817 -6.80 14.85 7.11
CA TYR A 817 -7.79 15.22 6.09
C TYR A 817 -7.15 15.83 4.85
N GLY A 818 -5.83 15.71 4.69
CA GLY A 818 -5.18 16.36 3.56
C GLY A 818 -5.76 15.95 2.21
N ASP A 819 -5.86 14.65 1.97
CA ASP A 819 -6.27 14.20 0.64
C ASP A 819 -7.68 14.67 0.31
N ILE A 820 -8.57 14.70 1.30
CA ILE A 820 -9.93 15.16 1.06
C ILE A 820 -9.94 16.64 0.70
N ILE A 821 -9.12 17.44 1.39
CA ILE A 821 -9.13 18.88 1.18
C ILE A 821 -8.57 19.24 -0.19
N LYS A 822 -7.53 18.54 -0.64
CA LYS A 822 -6.91 18.95 -1.89
C LYS A 822 -7.60 18.36 -3.11
N GLU A 823 -8.40 17.30 -2.95
CA GLU A 823 -9.24 16.88 -4.06
C GLU A 823 -10.53 17.66 -4.12
N THR A 824 -11.04 18.13 -2.97
CA THR A 824 -12.21 18.98 -2.99
C THR A 824 -11.88 20.35 -3.58
N MET A 825 -10.73 20.92 -3.21
CA MET A 825 -10.37 22.25 -3.69
C MET A 825 -9.98 22.23 -5.16
N SER A 826 -9.46 21.11 -5.65
CA SER A 826 -9.22 20.95 -7.08
C SER A 826 -10.50 20.67 -7.85
N LYS A 827 -11.50 20.06 -7.19
CA LYS A 827 -12.81 19.93 -7.82
C LYS A 827 -13.52 21.28 -7.87
N THR A 828 -13.35 22.10 -6.84
CA THR A 828 -13.87 23.46 -6.89
C THR A 828 -13.10 24.27 -7.93
N ARG A 829 -11.78 24.07 -8.01
CA ARG A 829 -10.99 24.67 -9.07
C ARG A 829 -11.55 24.32 -10.44
N GLN A 830 -11.78 23.02 -10.69
CA GLN A 830 -12.18 22.54 -12.00
C GLN A 830 -13.52 23.09 -12.46
N ILE A 831 -14.38 23.52 -11.52
CA ILE A 831 -15.71 23.99 -11.88
C ILE A 831 -15.79 25.51 -11.98
N ASP A 832 -14.92 26.24 -11.28
CA ASP A 832 -14.90 27.69 -11.32
C ASP A 832 -13.55 28.17 -10.83
N LYS A 833 -12.55 28.20 -11.72
CA LYS A 833 -11.16 28.35 -11.30
C LYS A 833 -10.95 29.63 -10.48
N ILE A 834 -11.63 30.72 -10.83
CA ILE A 834 -11.37 31.98 -10.16
C ILE A 834 -12.15 32.09 -8.86
N GLN A 835 -13.41 31.67 -8.85
CA GLN A 835 -14.13 31.50 -7.59
C GLN A 835 -13.28 30.70 -6.61
N CYS A 836 -12.61 29.66 -7.11
CA CYS A 836 -11.72 28.87 -6.28
C CYS A 836 -10.59 29.73 -5.74
N ALA A 837 -9.98 30.54 -6.61
CA ALA A 837 -8.99 31.51 -6.18
C ALA A 837 -9.60 32.54 -5.24
N LYS A 838 -10.86 32.91 -5.47
CA LYS A 838 -11.48 33.90 -4.60
C LYS A 838 -11.78 33.33 -3.23
N THR A 839 -12.10 32.03 -3.14
CA THR A 839 -12.27 31.40 -1.84
C THR A 839 -10.92 31.12 -1.19
N LEU A 840 -9.90 30.82 -2.01
CA LEU A 840 -8.58 30.48 -1.49
C LEU A 840 -8.00 31.62 -0.66
N ILE A 841 -7.87 32.82 -1.25
CA ILE A 841 -7.27 33.94 -0.53
C ILE A 841 -8.17 34.40 0.62
N LEU A 842 -9.48 34.16 0.58
CA LEU A 842 -10.29 34.40 1.76
C LEU A 842 -9.99 33.38 2.84
N SER A 843 -9.68 32.15 2.46
CA SER A 843 -9.11 31.20 3.41
C SER A 843 -7.89 31.81 4.07
N LEU A 844 -6.99 32.42 3.26
CA LEU A 844 -5.81 33.08 3.81
C LEU A 844 -6.23 34.32 4.57
N GLN A 845 -7.22 35.04 4.04
CA GLN A 845 -7.75 36.20 4.74
C GLN A 845 -8.34 35.80 6.08
N GLN A 846 -8.78 34.55 6.21
CA GLN A 846 -9.37 34.05 7.43
C GLN A 846 -8.35 33.40 8.36
N LEU A 847 -7.14 33.12 7.87
CA LEU A 847 -6.03 32.82 8.76
C LEU A 847 -5.31 34.08 9.24
N PHE A 848 -5.54 35.18 8.54
CA PHE A 848 -4.97 36.50 8.87
C PHE A 848 -5.67 37.06 10.09
N ASN A 849 -6.98 37.10 10.02
CA ASN A 849 -7.80 37.68 11.08
C ASN A 849 -7.96 36.70 12.25
N GLU A 850 -7.56 35.44 12.08
CA GLU A 850 -7.40 34.55 13.24
C GLU A 850 -6.16 34.95 14.05
N MET A 851 -5.11 35.23 13.31
CA MET A 851 -3.79 35.60 13.86
C MET A 851 -3.93 36.90 14.62
N ILE A 852 -4.76 37.81 14.16
CA ILE A 852 -4.83 39.08 14.92
C ILE A 852 -5.84 38.92 16.06
N GLN A 853 -6.86 38.10 15.87
CA GLN A 853 -7.99 37.98 16.81
C GLN A 853 -7.53 37.79 18.25
N GLU A 854 -6.52 37.01 18.50
CA GLU A 854 -6.07 36.82 19.88
C GLU A 854 -4.93 37.76 20.19
N ASN A 855 -3.93 37.86 19.29
CA ASN A 855 -2.72 38.69 19.53
C ASN A 855 -3.03 40.18 19.29
N GLY A 856 -3.06 40.66 18.05
CA GLY A 856 -3.26 42.09 17.79
C GLY A 856 -2.50 42.53 16.56
N TYR A 857 -2.59 43.83 16.24
CA TYR A 857 -2.11 44.47 14.99
C TYR A 857 -0.62 44.77 14.99
N ASN A 858 0.04 44.67 16.12
CA ASN A 858 1.50 44.91 16.16
C ASN A 858 2.25 43.57 16.19
N PHE A 859 1.59 42.46 15.89
CA PHE A 859 2.15 41.10 15.92
C PHE A 859 3.45 41.01 15.12
N ASP A 860 4.44 40.26 15.62
CA ASP A 860 5.74 40.09 14.94
C ASP A 860 5.41 39.51 13.56
N ARG A 861 5.94 40.06 12.47
CA ARG A 861 5.58 39.66 11.09
C ARG A 861 6.57 38.67 10.49
N SER A 862 7.40 38.01 11.28
CA SER A 862 8.24 36.92 10.79
C SER A 862 8.07 35.68 11.65
N SER A 863 7.03 35.67 12.51
CA SER A 863 6.75 34.50 13.34
C SER A 863 6.69 33.24 12.48
N SER A 864 6.97 32.09 13.10
CA SER A 864 6.73 30.81 12.44
C SER A 864 5.24 30.46 12.32
N THR A 865 4.36 31.17 13.04
CA THR A 865 2.94 31.18 12.69
C THR A 865 2.72 31.89 11.36
N PHE A 866 3.26 33.09 11.22
CA PHE A 866 3.11 33.93 10.03
C PHE A 866 3.78 33.16 8.92
N SER A 867 4.98 32.70 9.20
CA SER A 867 5.77 32.00 8.18
C SER A 867 5.03 30.80 7.59
N GLY A 868 4.26 30.10 8.42
CA GLY A 868 3.50 28.96 7.92
C GLY A 868 2.36 29.40 7.02
N ILE A 869 1.60 30.41 7.45
CA ILE A 869 0.59 31.00 6.59
C ILE A 869 1.20 31.42 5.26
N LYS A 870 2.49 31.77 5.24
CA LYS A 870 3.15 32.19 4.01
C LYS A 870 3.49 30.99 3.11
N GLU A 871 3.90 29.94 3.80
CA GLU A 871 4.26 28.64 3.23
C GLU A 871 2.99 28.00 2.68
N LEU A 872 1.89 28.17 3.39
CA LEU A 872 0.62 27.54 3.00
C LEU A 872 0.25 28.15 1.66
N ALA A 873 0.35 29.46 1.62
CA ALA A 873 0.05 30.25 0.45
C ALA A 873 0.98 29.89 -0.69
N ARG A 874 2.25 29.66 -0.39
CA ARG A 874 3.20 29.25 -1.43
C ARG A 874 2.69 27.97 -2.05
N ARG A 875 2.31 27.00 -1.22
CA ARG A 875 1.83 25.68 -1.69
C ARG A 875 0.53 25.89 -2.45
N PHE A 876 -0.33 26.78 -1.98
CA PHE A 876 -1.61 27.08 -2.64
C PHE A 876 -1.35 27.66 -4.02
N ALA A 877 -0.33 28.48 -4.17
CA ALA A 877 0.01 29.11 -5.45
C ALA A 877 0.32 28.02 -6.46
N LEU A 878 1.06 27.00 -6.06
CA LEU A 878 1.54 25.90 -6.95
C LEU A 878 0.39 25.20 -7.63
N THR A 879 -0.81 25.13 -7.03
CA THR A 879 -2.06 24.62 -7.63
C THR A 879 -2.32 25.22 -9.01
N PHE A 880 -1.83 26.41 -9.38
CA PHE A 880 -2.06 26.83 -10.75
C PHE A 880 -1.09 26.12 -11.72
N LEU A 885 -4.78 27.74 -20.61
CA LEU A 885 -4.95 27.15 -19.29
C LEU A 885 -5.89 28.00 -18.43
N LYS A 886 -6.20 29.21 -18.93
CA LYS A 886 -7.15 30.12 -18.28
C LYS A 886 -6.80 30.42 -16.83
N THR A 887 -5.52 30.33 -16.49
CA THR A 887 -5.07 30.73 -15.16
C THR A 887 -4.97 32.26 -14.98
N ARG A 888 -5.23 33.05 -16.03
CA ARG A 888 -4.70 34.41 -16.10
C ARG A 888 -5.56 35.43 -15.36
N GLU A 889 -6.88 35.40 -15.50
CA GLU A 889 -7.74 36.28 -14.71
C GLU A 889 -7.99 35.70 -13.33
N ALA A 890 -7.90 34.37 -13.18
CA ALA A 890 -7.95 33.76 -11.86
C ALA A 890 -6.94 34.43 -10.93
N ILE A 891 -5.66 34.36 -11.30
CA ILE A 891 -4.62 35.01 -10.52
C ILE A 891 -4.84 36.52 -10.46
N ALA A 892 -5.49 37.08 -11.47
CA ALA A 892 -5.73 38.53 -11.45
C ALA A 892 -6.64 38.93 -10.28
N MET A 893 -7.87 38.42 -10.25
CA MET A 893 -8.81 38.79 -9.20
C MET A 893 -8.29 38.28 -7.87
N LEU A 894 -7.50 37.18 -7.95
CA LEU A 894 -6.70 36.69 -6.83
C LEU A 894 -6.08 37.88 -6.13
N HIS A 895 -5.20 38.57 -6.86
CA HIS A 895 -4.53 39.77 -6.37
C HIS A 895 -5.57 40.84 -6.07
N LYS A 896 -6.55 40.99 -6.97
CA LYS A 896 -7.47 42.11 -6.81
C LYS A 896 -8.38 41.99 -5.59
N ASP A 897 -8.48 40.83 -4.93
CA ASP A 897 -9.16 40.80 -3.64
C ASP A 897 -8.19 40.96 -2.47
N GLY A 898 -7.02 40.32 -2.56
CA GLY A 898 -5.98 40.58 -1.58
C GLY A 898 -5.64 42.06 -1.48
N ILE A 899 -5.72 42.78 -2.60
CA ILE A 899 -5.45 44.21 -2.59
C ILE A 899 -6.50 44.96 -1.78
N GLU A 900 -7.79 44.67 -2.05
CA GLU A 900 -8.85 45.35 -1.35
C GLU A 900 -8.81 45.04 0.14
N PHE A 901 -8.45 43.82 0.49
CA PHE A 901 -8.33 43.43 1.89
C PHE A 901 -7.13 44.07 2.57
N ALA A 902 -6.15 44.52 1.79
CA ALA A 902 -4.92 45.08 2.34
C ALA A 902 -5.00 46.58 2.55
N PHE A 903 -5.98 47.28 1.95
CA PHE A 903 -6.23 48.68 2.31
C PHE A 903 -7.71 48.94 2.58
N LYS A 904 -8.42 47.95 3.14
CA LYS A 904 -9.84 48.10 3.42
C LYS A 904 -10.12 48.80 4.74
N GLU A 905 -9.28 48.61 5.74
CA GLU A 905 -9.38 49.30 7.01
C GLU A 905 -8.11 50.12 7.24
N PRO A 906 -8.19 51.45 7.36
CA PRO A 906 -6.99 52.25 7.67
C PRO A 906 -6.67 52.28 9.16
N ASN A 907 -5.40 52.62 9.45
CA ASN A 907 -4.91 52.71 10.82
C ASN A 907 -5.65 53.84 11.51
N PRO A 908 -6.26 53.61 12.69
CA PRO A 908 -7.07 54.68 13.35
C PRO A 908 -6.25 55.83 13.96
N GLN A 909 -5.12 55.50 14.56
CA GLN A 909 -4.18 56.49 15.12
C GLN A 909 -2.79 56.18 14.57
N GLY A 910 -2.58 56.54 13.32
CA GLY A 910 -1.27 56.38 12.69
C GLY A 910 -1.29 57.15 11.40
N GLU A 911 -0.13 57.17 10.73
CA GLU A 911 -0.05 57.73 9.40
C GLU A 911 -1.06 56.99 8.53
N SER A 912 -2.00 57.74 7.97
CA SER A 912 -3.05 57.24 7.04
C SER A 912 -2.67 57.59 5.60
N PRO A 914 1.90 53.56 8.99
CA PRO A 914 0.82 52.69 8.53
C PRO A 914 -0.26 52.52 9.59
N PRO A 915 -1.30 51.00 7.11
CA PRO A 915 -2.67 50.48 7.28
C PRO A 915 -2.77 49.24 8.16
N LEU A 916 -4.01 48.81 8.45
CA LEU A 916 -4.21 47.67 9.34
C LEU A 916 -3.86 46.35 8.65
N ASN A 917 -4.11 46.25 7.34
CA ASN A 917 -3.95 45.02 6.58
C ASN A 917 -2.74 45.08 5.67
N LEU A 918 -1.76 45.93 6.00
CA LEU A 918 -0.58 46.09 5.15
C LEU A 918 0.13 44.77 4.91
N ALA A 919 0.41 44.00 5.97
CA ALA A 919 1.38 42.91 5.84
C ALA A 919 0.79 41.72 5.09
N PHE A 920 -0.54 41.62 5.03
CA PHE A 920 -1.16 40.40 4.50
C PHE A 920 -0.72 40.08 3.07
N LEU A 921 0.00 40.99 2.44
CA LEU A 921 0.31 40.79 1.03
C LEU A 921 1.71 40.21 0.82
N ASP A 922 2.58 40.31 1.83
CA ASP A 922 3.75 39.44 1.85
C ASP A 922 3.34 38.01 1.56
N ILE A 923 2.17 37.61 2.02
CA ILE A 923 1.60 36.31 1.67
C ILE A 923 1.27 36.28 0.19
N LEU A 924 0.55 37.32 -0.30
CA LEU A 924 0.13 37.36 -1.69
C LEU A 924 1.35 37.39 -2.60
N SER A 925 2.45 37.98 -2.13
CA SER A 925 3.68 38.03 -2.93
C SER A 925 4.10 36.64 -3.38
N GLU A 926 3.76 35.61 -2.60
CA GLU A 926 4.10 34.23 -2.98
C GLU A 926 3.27 33.77 -4.17
N PHE A 927 2.22 34.50 -4.51
CA PHE A 927 1.42 34.30 -5.70
C PHE A 927 1.89 35.11 -6.90
N SER A 928 2.83 36.03 -6.70
CA SER A 928 3.30 36.86 -7.79
C SER A 928 3.96 36.03 -8.87
N SER A 929 4.68 34.96 -8.48
CA SER A 929 5.44 34.18 -9.45
C SER A 929 4.57 33.71 -10.59
N LYS A 930 3.36 33.25 -10.28
CA LYS A 930 2.46 32.68 -11.29
C LYS A 930 1.74 33.72 -12.13
N LEU A 931 2.12 34.99 -12.05
CA LEU A 931 1.39 36.05 -12.73
C LEU A 931 1.90 36.19 -14.17
N LEU A 932 1.06 36.82 -14.99
CA LEU A 932 1.44 37.13 -16.35
C LEU A 932 2.41 38.32 -16.35
N ARG A 933 3.23 38.40 -17.40
CA ARG A 933 4.14 39.52 -17.57
C ARG A 933 3.38 40.80 -17.92
N GLN A 934 2.25 40.68 -18.62
CA GLN A 934 1.53 41.87 -19.07
C GLN A 934 0.75 42.48 -17.93
N ASP A 935 0.12 41.63 -17.11
CA ASP A 935 -0.66 42.11 -15.99
C ASP A 935 0.20 42.27 -14.73
N LYS A 936 1.48 41.92 -14.79
CA LYS A 936 2.48 42.38 -13.83
C LYS A 936 2.78 43.89 -13.89
N ARG A 937 2.03 44.66 -14.69
CA ARG A 937 1.88 46.09 -14.49
C ARG A 937 0.42 46.49 -14.32
N THR A 938 -0.52 45.63 -14.75
CA THR A 938 -1.94 45.85 -14.45
C THR A 938 -2.19 45.55 -12.97
N VAL A 939 -1.33 44.74 -12.36
CA VAL A 939 -1.21 44.64 -10.91
C VAL A 939 -1.08 46.02 -10.31
N TYR A 940 -0.29 46.88 -10.95
CA TYR A 940 0.10 48.17 -10.41
C TYR A 940 -1.05 49.16 -10.52
N VAL A 941 -1.50 49.46 -11.73
CA VAL A 941 -2.60 50.40 -11.96
C VAL A 941 -3.72 50.18 -10.95
N TYR A 942 -4.03 48.91 -10.67
CA TYR A 942 -5.02 48.58 -9.65
C TYR A 942 -4.43 48.75 -8.25
N LEU A 943 -3.22 48.22 -8.03
CA LEU A 943 -2.44 48.56 -6.83
C LEU A 943 -2.44 50.06 -6.56
N GLU A 944 -2.34 50.88 -7.62
CA GLU A 944 -2.15 52.31 -7.45
C GLU A 944 -3.45 53.06 -7.22
N LYS A 945 -4.60 52.55 -7.72
CA LYS A 945 -5.86 53.16 -7.37
C LYS A 945 -6.03 53.21 -5.86
N PHE A 946 -5.34 52.32 -5.15
CA PHE A 946 -5.45 52.24 -3.70
C PHE A 946 -4.25 52.86 -2.98
N MET A 947 -3.07 52.86 -3.58
CA MET A 947 -1.86 53.27 -2.89
C MET A 947 -1.61 54.74 -3.18
N THR A 948 -1.54 55.53 -2.10
CA THR A 948 -1.25 56.99 -2.13
C THR A 948 0.22 57.14 -2.51
N PHE A 949 0.59 58.27 -3.11
CA PHE A 949 1.97 58.60 -3.54
C PHE A 949 2.89 58.65 -2.32
N GLN A 950 2.39 59.17 -1.20
CA GLN A 950 3.11 59.35 0.09
C GLN A 950 3.58 57.99 0.64
N MET A 951 2.77 56.93 0.56
CA MET A 951 3.13 55.61 1.12
C MET A 951 4.48 55.14 0.61
N SER A 952 4.70 55.15 -0.68
CA SER A 952 5.95 54.61 -1.25
C SER A 952 7.16 55.36 -0.75
N LEU A 953 7.01 56.63 -0.40
CA LEU A 953 8.17 57.39 0.09
C LEU A 953 8.65 56.75 1.38
N ARG A 954 7.69 56.41 2.27
CA ARG A 954 7.92 55.87 3.63
C ARG A 954 8.47 54.44 3.54
N ARG A 955 9.46 54.06 4.36
CA ARG A 955 10.01 52.69 4.54
C ARG A 955 10.59 52.56 5.96
N GLU A 956 10.74 51.32 6.44
CA GLU A 956 11.40 50.90 7.72
C GLU A 956 11.34 49.38 7.78
N VAL A 958 8.59 47.74 8.27
CA VAL A 958 7.31 48.15 8.88
C VAL A 958 6.35 48.51 7.75
N TRP A 959 6.85 49.19 6.73
CA TRP A 959 6.15 49.35 5.43
C TRP A 959 6.78 48.37 4.45
N LEU A 960 7.92 47.73 4.79
CA LEU A 960 8.64 46.75 3.96
C LEU A 960 7.72 45.85 3.15
N PRO A 961 6.54 45.03 3.65
CA PRO A 961 5.59 44.20 2.86
C PRO A 961 5.14 44.88 1.58
N LEU A 962 4.93 46.18 1.64
CA LEU A 962 4.60 46.94 0.43
C LEU A 962 5.80 46.91 -0.51
N MET A 963 6.99 47.23 -0.04
CA MET A 963 8.18 47.34 -0.92
C MET A 963 8.40 46.07 -1.74
N SER A 964 8.46 44.90 -1.12
CA SER A 964 8.73 43.65 -1.83
C SER A 964 7.45 42.97 -2.32
N TYR A 965 6.29 43.60 -2.14
CA TYR A 965 5.14 43.18 -2.92
C TYR A 965 5.21 43.76 -4.33
N ARG A 966 5.62 45.02 -4.40
CA ARG A 966 5.72 45.73 -5.70
C ARG A 966 6.98 45.25 -6.40
N ASN A 967 8.05 44.97 -5.67
CA ASN A 967 9.28 44.44 -6.22
C ASN A 967 9.05 43.07 -6.85
N SER A 968 8.04 42.32 -6.37
CA SER A 968 7.72 41.02 -6.97
C SER A 968 7.19 41.19 -8.38
N LEU A 969 6.69 42.39 -8.69
CA LEU A 969 6.02 42.69 -9.93
C LEU A 969 6.90 43.57 -10.83
N LYS B 41 31.18 22.30 -17.01
CA LYS B 41 32.31 21.37 -16.91
C LYS B 41 31.88 19.92 -17.20
N ARG B 42 32.87 19.03 -17.26
CA ARG B 42 32.62 17.67 -17.70
C ARG B 42 31.49 17.03 -16.89
N LYS B 43 30.63 16.28 -17.58
CA LYS B 43 29.54 15.56 -16.96
C LYS B 43 29.97 14.19 -16.47
N LEU B 44 31.25 13.86 -16.60
CA LEU B 44 31.74 12.53 -16.28
C LEU B 44 31.81 12.36 -14.76
N ILE B 45 31.06 11.40 -14.24
CA ILE B 45 30.97 11.15 -12.81
C ILE B 45 32.30 10.67 -12.23
N VAL B 46 33.02 11.56 -11.54
CA VAL B 46 34.21 11.18 -10.80
C VAL B 46 33.86 11.11 -9.32
N ASP B 47 34.07 9.94 -8.71
CA ASP B 47 33.83 9.77 -7.28
C ASP B 47 35.08 10.20 -6.51
N SER B 48 34.94 11.23 -5.66
CA SER B 48 36.02 11.61 -4.77
C SER B 48 36.32 10.53 -3.73
N VAL B 49 35.29 9.82 -3.25
CA VAL B 49 35.43 8.72 -2.31
C VAL B 49 35.04 7.44 -3.03
N LYS B 50 35.85 6.39 -2.87
CA LYS B 50 35.62 5.11 -3.53
C LYS B 50 35.18 4.01 -2.58
N GLU B 51 35.54 4.13 -1.29
CA GLU B 51 35.32 3.08 -0.31
C GLU B 51 34.78 3.66 1.00
N LEU B 52 33.91 2.88 1.63
CA LEU B 52 33.53 3.16 3.00
C LEU B 52 34.67 2.76 3.92
N ASP B 53 34.94 3.58 4.90
CA ASP B 53 36.05 3.23 5.76
C ASP B 53 35.64 2.16 6.75
N SER B 54 36.65 1.66 7.48
CA SER B 54 36.46 0.58 8.44
C SER B 54 35.57 1.01 9.59
N LYS B 55 35.75 2.23 10.06
CA LYS B 55 34.97 2.67 11.21
C LYS B 55 33.49 2.73 10.84
N THR B 56 33.16 3.16 9.61
CA THR B 56 31.74 3.26 9.31
C THR B 56 31.14 1.86 9.28
N ILE B 57 31.87 0.89 8.71
CA ILE B 57 31.39 -0.50 8.64
C ILE B 57 31.18 -1.05 10.04
N ARG B 58 32.13 -0.80 10.94
CA ARG B 58 31.93 -1.11 12.35
C ARG B 58 30.67 -0.47 12.89
N ALA B 59 30.31 0.71 12.39
CA ALA B 59 29.12 1.38 12.88
C ALA B 59 27.86 0.71 12.33
N GLN B 60 27.92 0.33 11.05
CA GLN B 60 26.81 -0.39 10.40
C GLN B 60 26.53 -1.70 11.12
N LEU B 61 27.59 -2.39 11.57
CA LEU B 61 27.44 -3.67 12.25
C LEU B 61 26.82 -3.52 13.63
N SER B 62 27.07 -2.41 14.30
CA SER B 62 26.62 -2.23 15.66
C SER B 62 25.32 -1.45 15.76
N ASP B 63 24.75 -1.02 14.64
CA ASP B 63 23.46 -0.34 14.72
C ASP B 63 22.77 -0.45 13.36
N TYR B 64 21.75 -1.30 13.30
CA TYR B 64 20.88 -1.37 12.13
C TYR B 64 19.47 -0.89 12.44
N SER B 65 19.29 -0.24 13.58
CA SER B 65 17.98 0.22 14.00
C SER B 65 17.32 1.14 12.99
N ASP B 66 18.09 1.73 12.08
CA ASP B 66 17.56 2.65 11.08
C ASP B 66 17.24 1.95 9.77
N ILE B 67 17.38 0.63 9.70
CA ILE B 67 17.09 -0.14 8.50
C ILE B 67 16.26 -1.36 8.90
N VAL B 68 15.72 -1.33 10.12
CA VAL B 68 14.57 -2.16 10.48
C VAL B 68 13.46 -1.22 10.96
N THR B 69 12.27 -1.79 11.11
CA THR B 69 11.08 -0.99 11.37
C THR B 69 10.10 -1.81 12.19
N THR B 70 9.03 -1.16 12.63
CA THR B 70 7.98 -1.86 13.35
C THR B 70 7.05 -2.52 12.34
N LEU B 71 6.32 -3.53 12.82
CA LEU B 71 5.40 -4.28 11.99
C LEU B 71 4.22 -3.40 11.57
N ASP B 72 4.13 -3.13 10.27
CA ASP B 72 2.93 -2.53 9.70
C ASP B 72 1.82 -3.58 9.65
N LEU B 73 0.83 -3.44 10.53
CA LEU B 73 -0.23 -4.42 10.64
C LEU B 73 -1.33 -4.15 9.62
N ALA B 74 -1.97 -5.23 9.20
CA ALA B 74 -3.20 -5.13 8.42
C ALA B 74 -4.36 -4.70 9.33
N PRO B 75 -5.45 -4.22 8.75
CA PRO B 75 -6.57 -3.73 9.57
C PRO B 75 -7.01 -4.78 10.59
N PRO B 76 -6.79 -4.54 11.89
CA PRO B 76 -7.05 -5.59 12.87
C PRO B 76 -8.47 -5.64 13.42
N THR B 77 -9.40 -4.78 12.99
CA THR B 77 -10.81 -4.99 13.30
C THR B 77 -11.59 -5.14 12.01
N LYS B 78 -12.73 -5.83 12.10
CA LYS B 78 -13.62 -5.91 10.95
C LYS B 78 -14.04 -4.52 10.47
N LYS B 79 -14.31 -3.58 11.38
CA LYS B 79 -14.75 -2.26 10.93
C LYS B 79 -13.59 -1.46 10.35
N LEU B 80 -12.37 -1.70 10.82
CA LEU B 80 -11.20 -1.08 10.22
C LEU B 80 -10.89 -1.67 8.85
N MET B 81 -11.26 -2.95 8.64
CA MET B 81 -11.21 -3.51 7.30
C MET B 81 -12.24 -2.86 6.38
N MET B 82 -13.43 -2.56 6.90
CA MET B 82 -14.43 -1.89 6.07
C MET B 82 -13.99 -0.47 5.72
N TRP B 83 -13.43 0.27 6.69
CA TRP B 83 -13.05 1.66 6.42
C TRP B 83 -11.85 1.75 5.48
N LYS B 84 -11.09 0.67 5.29
CA LYS B 84 -10.06 0.68 4.26
C LYS B 84 -10.64 0.41 2.88
N GLU B 85 -11.68 -0.42 2.80
CA GLU B 85 -12.32 -0.74 1.52
C GLU B 85 -13.10 0.46 0.99
N THR B 86 -13.87 1.13 1.84
CA THR B 86 -14.64 2.30 1.44
C THR B 86 -13.92 3.61 1.75
N GLY B 87 -12.67 3.53 2.23
CA GLY B 87 -11.87 4.73 2.45
C GLY B 87 -11.04 5.09 1.22
N GLY B 88 -10.29 6.18 1.36
CA GLY B 88 -9.65 6.78 0.22
C GLY B 88 -10.63 7.77 -0.39
N VAL B 89 -10.14 8.85 -0.99
CA VAL B 89 -11.07 9.91 -1.37
C VAL B 89 -11.98 9.47 -2.50
N GLU B 90 -11.51 8.61 -3.40
CA GLU B 90 -12.30 8.21 -4.55
C GLU B 90 -13.62 7.58 -4.12
N LYS B 91 -13.55 6.54 -3.28
CA LYS B 91 -14.78 5.91 -2.81
C LYS B 91 -15.61 6.84 -1.95
N LEU B 92 -14.97 7.66 -1.12
CA LEU B 92 -15.71 8.49 -0.19
C LEU B 92 -16.51 9.57 -0.91
N PHE B 93 -16.03 10.04 -2.06
CA PHE B 93 -16.74 11.07 -2.81
C PHE B 93 -17.79 10.50 -3.75
N SER B 94 -17.91 9.17 -3.83
CA SER B 94 -18.89 8.52 -4.69
C SER B 94 -19.84 7.61 -3.91
N LEU B 95 -19.80 7.67 -2.59
CA LEU B 95 -20.66 6.86 -1.74
C LEU B 95 -21.30 7.73 -0.67
N PRO B 96 -22.50 7.38 -0.22
CA PRO B 96 -23.20 8.23 0.75
C PRO B 96 -22.61 8.08 2.14
N ALA B 97 -22.93 9.04 3.00
CA ALA B 97 -22.41 9.04 4.36
C ALA B 97 -23.14 8.04 5.24
N GLN B 98 -24.43 7.81 4.97
CA GLN B 98 -25.20 6.76 5.65
C GLN B 98 -25.31 5.58 4.69
N PRO B 99 -24.72 4.42 5.01
CA PRO B 99 -24.67 3.33 4.02
C PRO B 99 -26.06 2.78 3.68
N LEU B 100 -26.30 2.60 2.38
CA LEU B 100 -27.54 2.04 1.86
C LEU B 100 -27.26 0.63 1.33
N TRP B 101 -27.92 -0.38 1.91
CA TRP B 101 -27.49 -1.75 1.66
C TRP B 101 -28.16 -2.36 0.44
N ASN B 102 -29.17 -1.71 -0.11
CA ASN B 102 -29.79 -2.19 -1.34
C ASN B 102 -29.43 -1.26 -2.49
N ASN B 103 -28.99 -1.87 -3.61
CA ASN B 103 -28.49 -1.07 -4.72
C ASN B 103 -29.52 -0.05 -5.19
N ARG B 104 -30.82 -0.33 -5.08
CA ARG B 104 -31.81 0.61 -5.61
C ARG B 104 -31.72 1.95 -4.88
N LEU B 105 -31.57 1.92 -3.56
CA LEU B 105 -31.35 3.14 -2.80
C LEU B 105 -29.99 3.73 -3.13
N LEU B 106 -28.96 2.88 -3.19
CA LEU B 106 -27.61 3.34 -3.55
C LEU B 106 -27.63 4.08 -4.88
N LYS B 107 -28.25 3.47 -5.89
CA LYS B 107 -28.33 4.06 -7.21
C LYS B 107 -28.89 5.47 -7.14
N LEU B 108 -29.87 5.70 -6.26
CA LEU B 108 -30.46 7.03 -6.15
C LEU B 108 -29.45 8.07 -5.73
N PHE B 109 -28.36 7.64 -5.09
CA PHE B 109 -27.28 8.57 -4.76
C PHE B 109 -26.26 8.66 -5.90
N THR B 110 -25.87 7.50 -6.47
CA THR B 110 -24.86 7.48 -7.52
C THR B 110 -25.32 8.30 -8.72
N ARG B 111 -26.61 8.16 -9.08
CA ARG B 111 -27.12 8.80 -10.28
C ARG B 111 -26.88 10.30 -10.25
N CYS B 112 -26.82 10.91 -9.07
CA CYS B 112 -26.78 12.36 -8.96
C CYS B 112 -25.35 12.95 -8.86
N LEU B 113 -24.34 12.24 -9.35
CA LEU B 113 -22.96 12.74 -9.40
C LEU B 113 -22.56 12.89 -10.86
N THR B 114 -22.92 14.04 -11.43
CA THR B 114 -22.68 14.36 -12.82
C THR B 114 -23.54 13.44 -13.69
N VAL C 2 33.82 -18.01 16.07
CA VAL C 2 33.14 -16.76 15.72
C VAL C 2 34.16 -15.66 15.46
N SER C 3 35.42 -15.89 15.88
CA SER C 3 36.42 -14.83 15.87
C SER C 3 36.89 -14.47 14.47
N VAL C 4 36.78 -15.38 13.50
CA VAL C 4 37.16 -15.02 12.13
C VAL C 4 36.17 -14.01 11.56
N TYR C 5 34.92 -14.03 12.04
CA TYR C 5 33.89 -13.10 11.60
C TYR C 5 33.94 -11.76 12.33
N ASP C 6 34.98 -11.52 13.14
CA ASP C 6 35.16 -10.25 13.82
C ASP C 6 35.88 -9.29 12.87
N PHE C 7 35.19 -8.20 12.51
CA PHE C 7 35.70 -7.30 11.49
C PHE C 7 36.86 -6.49 12.04
N GLU C 8 38.06 -6.70 11.49
CA GLU C 8 39.24 -5.94 11.90
C GLU C 8 40.00 -5.40 10.70
N GLU C 9 39.39 -5.39 9.51
CA GLU C 9 40.05 -4.89 8.31
C GLU C 9 40.61 -3.49 8.56
N GLU C 10 41.72 -3.19 7.89
CA GLU C 10 42.43 -1.92 8.09
C GLU C 10 42.81 -1.73 9.56
#